data_5HFT
#
_entry.id   5HFT
#
_cell.length_a   70.671
_cell.length_b   124.093
_cell.length_c   156.781
_cell.angle_alpha   90.000
_cell.angle_beta   90.000
_cell.angle_gamma   90.000
#
_symmetry.space_group_name_H-M   'P 21 21 21'
#
loop_
_entity.id
_entity.type
_entity.pdbx_description
1 polymer Gamma-glutamyltranspeptidase
2 polymer Gamma-glutamyltranspeptidase
#
loop_
_entity_poly.entity_id
_entity_poly.type
_entity_poly.pdbx_seq_one_letter_code
_entity_poly.pdbx_strand_id
1 'polypeptide(L)'
;MGSDKIHHHHHHSSGENLYFQGHMHSSNVSTHGMAVAPHHLASQSALAILREGGSAIEAMVAAAAAIAVVYPHMNGLGGD
GFWLIVPPEGDPIAIDASGAAGSLATLEAYAGQRHIPNRGPQAALTVAGTVSGWVEALRISRDLTGRALPVARLLADAIG
YAEDGIPVTASQAHATASKLEELRHQPGFSETWLVAGEAPRPGSRFRQPALAGTLRMLASDGLDSFYRGPLAERLAQGMA
ALGMPITLGDLQAHRARRPGPLTLQHQQGTLWNLAPPTQGLVSLAILGITDRLKMADADDAQTVHRIVEATKRAFALRDA
HITDPRHLDVDVQQLLTPEALQPLADSIDDASASPWGGGKGPGD
;
A,C
2 'polypeptide(L)'
;TVWMGVVDNSGLAVSFIQSIYHEFGSGVVLPDTGIVWQNRGAAFSLDPQHLLALAPGKQPFHTLNPAAARLNDGRVMVYG
SMGGDGQPQTQAALFTRYILQGVPLQESISRPRWLLGRTWGQSSDSLKLEGRFAPACIARLRELGHDVEVLADFSEAMGH
AGAIVRHPNGLLEGATDPRSNGAAAGY
;
B,D
#
# COMPACT_ATOMS: atom_id res chain seq x y z
N SER A 26 9.71 -5.52 4.32
CA SER A 26 10.27 -5.58 2.96
C SER A 26 9.74 -4.44 2.09
N SER A 27 10.49 -4.14 1.02
CA SER A 27 10.32 -2.95 0.20
C SER A 27 9.37 -3.14 -0.98
N ASN A 28 8.38 -2.25 -1.12
CA ASN A 28 7.46 -2.33 -2.25
C ASN A 28 8.17 -1.88 -3.51
N VAL A 29 8.15 -2.72 -4.55
CA VAL A 29 8.85 -2.41 -5.78
C VAL A 29 7.85 -2.40 -6.93
N SER A 30 7.97 -1.42 -7.81
CA SER A 30 7.09 -1.30 -8.96
C SER A 30 7.92 -0.91 -10.17
N THR A 31 7.24 -0.73 -11.31
CA THR A 31 7.91 -0.51 -12.58
C THR A 31 7.57 0.81 -13.24
N HIS A 32 6.44 1.42 -12.89
CA HIS A 32 5.98 2.61 -13.58
C HIS A 32 5.98 3.85 -12.69
N GLY A 33 5.34 3.79 -11.53
CA GLY A 33 5.27 4.95 -10.66
C GLY A 33 5.21 4.53 -9.21
N MET A 34 5.51 5.50 -8.32
CA MET A 34 5.65 5.22 -6.89
C MET A 34 5.43 6.50 -6.08
N ALA A 35 4.53 6.41 -5.08
CA ALA A 35 4.25 7.51 -4.15
C ALA A 35 4.45 7.03 -2.72
N VAL A 36 5.19 7.80 -1.92
CA VAL A 36 5.34 7.52 -0.50
C VAL A 36 4.75 8.69 0.30
N ALA A 37 3.89 8.39 1.26
CA ALA A 37 3.13 9.42 1.95
C ALA A 37 2.88 8.97 3.38
N PRO A 38 2.60 9.91 4.29
CA PRO A 38 2.37 9.53 5.68
C PRO A 38 1.04 8.88 5.89
N HIS A 39 0.14 8.95 4.91
CA HIS A 39 -1.15 8.29 5.05
C HIS A 39 -1.51 7.57 3.74
N HIS A 40 -1.94 6.32 3.86
CA HIS A 40 -2.18 5.52 2.65
C HIS A 40 -3.19 6.18 1.72
N LEU A 41 -4.11 6.99 2.23
CA LEU A 41 -5.05 7.63 1.31
C LEU A 41 -4.37 8.66 0.42
N ALA A 42 -3.33 9.33 0.95
CA ALA A 42 -2.59 10.32 0.17
C ALA A 42 -1.72 9.65 -0.90
N SER A 43 -1.04 8.57 -0.53
CA SER A 43 -0.30 7.75 -1.50
C SER A 43 -1.16 7.35 -2.69
N GLN A 44 -2.40 6.93 -2.44
CA GLN A 44 -3.25 6.49 -3.54
C GLN A 44 -3.78 7.66 -4.37
N SER A 45 -3.88 8.85 -3.80
CA SER A 45 -4.33 9.99 -4.59
C SER A 45 -3.28 10.38 -5.60
N ALA A 46 -2.01 10.43 -5.16
CA ALA A 46 -0.91 10.60 -6.12
C ALA A 46 -0.90 9.48 -7.13
N LEU A 47 -1.06 8.23 -6.67
CA LEU A 47 -0.94 7.09 -7.57
C LEU A 47 -1.99 7.11 -8.68
N ALA A 48 -3.22 7.54 -8.35
CA ALA A 48 -4.25 7.56 -9.38
C ALA A 48 -3.88 8.50 -10.51
N ILE A 49 -3.39 9.70 -10.17
CA ILE A 49 -3.03 10.69 -11.19
C ILE A 49 -1.99 10.13 -12.14
N LEU A 50 -0.99 9.42 -11.59
CA LEU A 50 -0.02 8.75 -12.43
C LEU A 50 -0.70 7.79 -13.41
N ARG A 51 -1.46 6.84 -12.87
CA ARG A 51 -2.17 5.88 -13.72
C ARG A 51 -3.10 6.54 -14.72
N GLU A 52 -3.48 7.79 -14.50
CA GLU A 52 -4.36 8.49 -15.42
C GLU A 52 -3.56 9.30 -16.43
N GLY A 53 -2.25 9.04 -16.53
CA GLY A 53 -1.37 9.76 -17.42
C GLY A 53 -0.74 11.01 -16.85
N GLY A 54 -1.02 11.36 -15.59
CA GLY A 54 -0.46 12.56 -15.01
C GLY A 54 0.99 12.43 -14.60
N SER A 55 1.65 13.56 -14.44
CA SER A 55 3.06 13.61 -14.10
C SER A 55 3.25 13.45 -12.59
N ALA A 56 4.50 13.19 -12.19
CA ALA A 56 4.78 13.09 -10.76
C ALA A 56 4.41 14.36 -10.01
N ILE A 57 4.49 15.53 -10.64
CA ILE A 57 4.18 16.76 -9.92
C ILE A 57 2.69 16.89 -9.69
N GLU A 58 1.89 16.74 -10.74
CA GLU A 58 0.44 16.78 -10.58
C GLU A 58 -0.01 15.71 -9.59
N ALA A 59 0.63 14.54 -9.62
CA ALA A 59 0.34 13.52 -8.62
C ALA A 59 0.69 14.02 -7.24
N MET A 60 1.79 14.78 -7.12
CA MET A 60 2.15 15.34 -5.82
C MET A 60 1.15 16.40 -5.37
N VAL A 61 0.64 17.18 -6.31
CA VAL A 61 -0.30 18.23 -5.94
C VAL A 61 -1.59 17.62 -5.43
N ALA A 62 -2.13 16.63 -6.16
CA ALA A 62 -3.32 15.93 -5.66
C ALA A 62 -3.09 15.40 -4.26
N ALA A 63 -1.89 14.91 -3.98
CA ALA A 63 -1.60 14.41 -2.64
C ALA A 63 -1.55 15.53 -1.62
N ALA A 64 -0.89 16.65 -1.95
CA ALA A 64 -0.83 17.77 -1.01
C ALA A 64 -2.22 18.18 -0.51
N ALA A 65 -3.22 18.12 -1.39
CA ALA A 65 -4.60 18.41 -1.07
C ALA A 65 -5.27 17.26 -0.32
N ALA A 66 -4.98 16.01 -0.71
CA ALA A 66 -5.52 14.85 0.01
C ALA A 66 -5.00 14.77 1.44
N ILE A 67 -3.68 14.86 1.61
CA ILE A 67 -3.04 14.84 2.93
C ILE A 67 -3.41 16.08 3.75
N ALA A 68 -3.99 17.10 3.12
CA ALA A 68 -4.49 18.25 3.88
C ALA A 68 -5.82 17.93 4.53
N VAL A 69 -6.69 17.23 3.82
CA VAL A 69 -7.94 16.82 4.43
C VAL A 69 -7.71 15.78 5.52
N VAL A 70 -6.79 14.83 5.27
CA VAL A 70 -6.68 13.62 6.10
C VAL A 70 -5.77 13.79 7.34
N TYR A 71 -4.74 14.64 7.28
CA TYR A 71 -3.93 15.00 8.45
C TYR A 71 -4.01 16.50 8.77
N PRO A 72 -5.22 17.04 9.01
CA PRO A 72 -5.35 18.50 9.14
C PRO A 72 -4.62 19.12 10.31
N HIS A 73 -4.24 18.33 11.31
CA HIS A 73 -3.61 18.89 12.51
C HIS A 73 -2.13 19.12 12.33
N MET A 74 -1.54 18.47 11.33
CA MET A 74 -0.11 18.53 11.06
C MET A 74 0.25 19.34 9.82
N ASN A 75 -0.73 19.69 8.98
CA ASN A 75 -0.47 20.35 7.72
C ASN A 75 -1.82 20.69 7.12
N GLY A 76 -1.81 21.52 6.08
CA GLY A 76 -3.02 21.81 5.36
C GLY A 76 -2.83 23.03 4.48
N LEU A 77 -3.96 23.51 3.93
CA LEU A 77 -3.97 24.71 3.10
C LEU A 77 -3.56 25.95 3.88
N GLY A 78 -3.36 25.85 5.18
CA GLY A 78 -3.12 27.04 5.97
C GLY A 78 -1.67 27.18 6.36
N GLY A 79 -0.80 26.49 5.63
CA GLY A 79 0.64 26.50 5.90
C GLY A 79 1.54 26.64 4.68
N ASP A 80 2.79 26.25 4.84
CA ASP A 80 3.84 26.46 3.85
C ASP A 80 4.25 25.13 3.23
N GLY A 81 4.91 25.21 2.07
CA GLY A 81 5.30 24.03 1.33
C GLY A 81 6.65 24.18 0.67
N PHE A 82 7.30 23.04 0.45
CA PHE A 82 8.67 23.03 -0.05
C PHE A 82 8.85 21.89 -1.03
N TRP A 83 9.35 22.21 -2.22
CA TRP A 83 9.58 21.23 -3.26
C TRP A 83 11.06 21.15 -3.60
N LEU A 84 11.54 19.94 -3.81
CA LEU A 84 12.77 19.67 -4.55
C LEU A 84 12.34 18.75 -5.68
N ILE A 85 12.62 19.17 -6.91
CA ILE A 85 12.20 18.43 -8.10
C ILE A 85 13.43 18.05 -8.89
N VAL A 86 13.55 16.77 -9.23
CA VAL A 86 14.67 16.28 -10.03
C VAL A 86 14.16 15.83 -11.40
N PRO A 87 14.36 16.61 -12.46
CA PRO A 87 13.87 16.18 -13.76
C PRO A 87 14.70 15.01 -14.25
N PRO A 88 14.21 14.26 -15.23
CA PRO A 88 14.97 13.10 -15.71
C PRO A 88 16.41 13.44 -16.04
N GLU A 89 16.68 14.58 -16.69
CA GLU A 89 18.06 14.87 -17.09
C GLU A 89 18.67 16.12 -16.46
N GLY A 90 17.92 17.19 -16.28
CA GLY A 90 18.51 18.47 -15.93
C GLY A 90 18.93 18.59 -14.45
N ASP A 91 19.20 19.84 -14.07
CA ASP A 91 19.44 20.25 -12.69
C ASP A 91 18.16 20.25 -11.85
N PRO A 92 18.29 20.10 -10.53
CA PRO A 92 17.10 20.10 -9.67
C PRO A 92 16.49 21.49 -9.54
N ILE A 93 15.19 21.51 -9.31
CA ILE A 93 14.44 22.75 -9.17
C ILE A 93 13.82 22.79 -7.79
N ALA A 94 14.06 23.88 -7.08
CA ALA A 94 13.57 24.09 -5.72
C ALA A 94 12.45 25.12 -5.70
N ILE A 95 11.48 24.91 -4.80
CA ILE A 95 10.35 25.79 -4.63
C ILE A 95 10.22 26.07 -3.14
N ASP A 96 10.50 27.30 -2.74
CA ASP A 96 10.27 27.73 -1.35
C ASP A 96 8.90 28.38 -1.35
N ALA A 97 7.89 27.63 -0.92
CA ALA A 97 6.54 28.18 -0.94
C ALA A 97 6.11 28.59 0.47
N SER A 98 6.91 29.41 1.14
CA SER A 98 6.61 29.85 2.49
C SER A 98 6.29 31.35 2.50
N GLY A 99 5.26 31.74 3.25
CA GLY A 99 4.79 33.10 3.23
C GLY A 99 5.51 34.02 4.20
N ALA A 100 5.42 35.31 3.90
CA ALA A 100 6.05 36.34 4.71
C ALA A 100 5.08 36.87 5.78
N ALA A 101 5.64 37.53 6.80
CA ALA A 101 4.83 38.20 7.80
C ALA A 101 3.86 39.16 7.14
N GLY A 102 2.73 39.42 7.80
CA GLY A 102 1.76 40.33 7.26
C GLY A 102 2.21 41.78 7.37
N SER A 103 1.63 42.60 6.49
CA SER A 103 1.99 44.01 6.46
C SER A 103 1.59 44.75 7.74
N LEU A 104 0.68 44.19 8.54
CA LEU A 104 0.32 44.72 9.84
C LEU A 104 1.17 44.16 10.97
N ALA A 105 2.12 43.27 10.68
CA ALA A 105 2.88 42.61 11.72
C ALA A 105 4.13 43.45 12.06
N THR A 106 3.90 44.55 12.76
CA THR A 106 5.00 45.47 13.02
C THR A 106 5.55 45.28 14.44
N LEU A 107 6.84 45.58 14.60
CA LEU A 107 7.52 45.39 15.88
C LEU A 107 6.77 46.05 17.03
N GLU A 108 6.00 47.11 16.75
CA GLU A 108 5.23 47.79 17.78
C GLU A 108 4.04 46.96 18.24
N ALA A 109 3.33 46.34 17.30
CA ALA A 109 2.07 45.64 17.54
C ALA A 109 2.17 44.53 18.58
N TYR A 110 3.37 44.11 18.97
CA TYR A 110 3.55 43.06 19.97
C TYR A 110 4.20 43.62 21.23
N ALA A 111 3.83 44.88 21.55
CA ALA A 111 4.12 45.65 22.77
C ALA A 111 5.30 45.17 23.61
N GLY A 112 5.04 44.95 24.89
CA GLY A 112 6.05 44.53 25.85
C GLY A 112 5.94 43.04 26.10
N GLN A 113 5.32 42.35 25.15
CA GLN A 113 5.32 40.89 25.16
C GLN A 113 6.72 40.41 24.83
N ARG A 114 7.20 39.43 25.59
CA ARG A 114 8.56 38.95 25.42
C ARG A 114 8.73 38.00 24.26
N HIS A 115 7.64 37.69 23.53
CA HIS A 115 7.70 36.81 22.36
C HIS A 115 6.39 36.97 21.60
N ILE A 116 6.36 36.44 20.39
CA ILE A 116 5.11 36.40 19.63
C ILE A 116 4.28 35.23 20.13
N PRO A 117 2.98 35.44 20.46
CA PRO A 117 2.13 34.36 21.00
C PRO A 117 2.11 33.10 20.14
N ASN A 118 1.78 31.96 20.74
CA ASN A 118 1.77 30.74 19.96
C ASN A 118 0.40 30.47 19.35
N ARG A 119 -0.65 30.79 20.08
CA ARG A 119 -2.01 30.61 19.58
C ARG A 119 -2.70 31.96 19.51
N GLY A 120 -3.91 31.98 18.96
CA GLY A 120 -4.66 33.20 18.78
C GLY A 120 -4.36 33.88 17.46
N PRO A 121 -5.21 34.85 17.10
CA PRO A 121 -5.03 35.57 15.82
C PRO A 121 -3.70 36.26 15.66
N GLN A 122 -2.99 36.58 16.75
CA GLN A 122 -1.70 37.24 16.64
C GLN A 122 -0.57 36.28 16.30
N ALA A 123 -0.77 34.98 16.49
CA ALA A 123 0.27 34.02 16.10
C ALA A 123 0.18 33.67 14.64
N ALA A 124 -0.98 33.91 14.02
CA ALA A 124 -1.23 33.63 12.62
C ALA A 124 -0.81 34.82 11.76
N LEU A 125 0.48 35.19 11.87
CA LEU A 125 1.04 36.43 11.36
C LEU A 125 1.75 36.31 10.00
N THR A 126 2.19 35.11 9.57
CA THR A 126 2.80 34.96 8.25
C THR A 126 1.83 34.34 7.26
N VAL A 127 2.05 34.65 5.98
CA VAL A 127 1.22 34.18 4.88
C VAL A 127 1.40 32.67 4.66
N ALA A 128 0.36 32.02 4.10
CA ALA A 128 0.35 30.58 3.86
C ALA A 128 0.80 30.29 2.43
N GLY A 129 1.86 29.49 2.27
CA GLY A 129 2.48 29.36 0.98
C GLY A 129 2.19 28.16 0.10
N THR A 130 1.82 27.00 0.66
CA THR A 130 1.75 25.76 -0.13
C THR A 130 1.02 25.97 -1.43
N VAL A 131 -0.14 26.63 -1.38
CA VAL A 131 -0.97 26.72 -2.57
C VAL A 131 -0.20 27.42 -3.68
N SER A 132 0.61 28.43 -3.31
CA SER A 132 1.53 29.01 -4.27
C SER A 132 2.59 28.01 -4.74
N GLY A 133 2.97 27.06 -3.89
CA GLY A 133 3.84 26.00 -4.36
C GLY A 133 3.14 25.14 -5.37
N TRP A 134 1.88 24.81 -5.13
CA TRP A 134 1.17 24.01 -6.12
C TRP A 134 1.07 24.75 -7.45
N VAL A 135 0.75 26.05 -7.41
CA VAL A 135 0.55 26.78 -8.67
C VAL A 135 1.87 26.86 -9.44
N GLU A 136 2.98 27.04 -8.73
CA GLU A 136 4.29 27.14 -9.39
C GLU A 136 4.75 25.78 -9.94
N ALA A 137 4.67 24.73 -9.12
CA ALA A 137 5.08 23.41 -9.58
C ALA A 137 4.27 22.99 -10.81
N LEU A 138 2.99 23.36 -10.85
CA LEU A 138 2.17 22.96 -11.98
C LEU A 138 2.60 23.64 -13.27
N ARG A 139 2.91 24.93 -13.19
CA ARG A 139 3.46 25.64 -14.34
C ARG A 139 4.79 25.01 -14.76
N ILE A 140 5.57 24.55 -13.78
CA ILE A 140 6.77 23.77 -14.09
C ILE A 140 6.38 22.47 -14.78
N SER A 141 5.36 21.79 -14.27
CA SER A 141 5.00 20.52 -14.86
C SER A 141 4.35 20.68 -16.22
N ARG A 142 3.82 21.86 -16.54
CA ARG A 142 3.41 22.07 -17.93
C ARG A 142 4.59 22.40 -18.83
N ASP A 143 5.67 23.00 -18.29
CA ASP A 143 6.86 23.22 -19.12
C ASP A 143 7.58 21.90 -19.38
N LEU A 144 7.72 21.07 -18.35
CA LEU A 144 8.48 19.82 -18.49
C LEU A 144 7.68 18.80 -19.30
N THR A 145 6.48 18.46 -18.85
CA THR A 145 5.55 17.70 -19.66
C THR A 145 5.15 18.55 -20.87
N GLY A 146 4.60 17.89 -21.89
CA GLY A 146 3.93 18.75 -22.85
C GLY A 146 2.46 18.98 -22.58
N ARG A 147 1.95 18.38 -21.50
CA ARG A 147 0.53 18.29 -21.22
C ARG A 147 0.29 18.77 -19.80
N ALA A 148 -0.97 18.70 -19.37
CA ALA A 148 -1.41 19.02 -18.02
C ALA A 148 -2.86 18.56 -17.88
N LEU A 149 -3.20 18.00 -16.69
CA LEU A 149 -4.57 17.60 -16.38
C LEU A 149 -5.38 18.77 -15.83
N PRO A 150 -6.70 18.70 -15.90
CA PRO A 150 -7.53 19.74 -15.27
C PRO A 150 -7.29 19.82 -13.77
N VAL A 151 -7.19 21.06 -13.26
CA VAL A 151 -7.08 21.28 -11.83
C VAL A 151 -8.22 20.59 -11.07
N ALA A 152 -9.45 20.67 -11.60
CA ALA A 152 -10.61 20.02 -10.97
C ALA A 152 -10.40 18.53 -10.79
N ARG A 153 -9.53 17.94 -11.61
CA ARG A 153 -9.16 16.54 -11.42
C ARG A 153 -8.16 16.39 -10.27
N LEU A 154 -7.17 17.30 -10.16
CA LEU A 154 -6.15 17.15 -9.13
C LEU A 154 -6.72 17.27 -7.71
N LEU A 155 -7.80 18.03 -7.52
CA LEU A 155 -8.41 18.21 -6.21
C LEU A 155 -9.60 17.30 -5.96
N ALA A 156 -9.97 16.48 -6.95
CA ALA A 156 -11.20 15.70 -6.84
C ALA A 156 -11.22 14.86 -5.55
N ASP A 157 -10.16 14.08 -5.32
CA ASP A 157 -10.16 13.24 -4.12
C ASP A 157 -10.21 14.09 -2.85
N ALA A 158 -9.46 15.20 -2.82
CA ALA A 158 -9.44 16.07 -1.64
C ALA A 158 -10.84 16.60 -1.32
N ILE A 159 -11.56 17.04 -2.34
CA ILE A 159 -12.91 17.55 -2.16
C ILE A 159 -13.82 16.49 -1.53
N GLY A 160 -13.89 15.32 -2.17
CA GLY A 160 -14.80 14.26 -1.73
C GLY A 160 -14.51 13.73 -0.33
N TYR A 161 -13.24 13.70 0.06
CA TYR A 161 -12.91 13.26 1.42
C TYR A 161 -13.33 14.30 2.46
N ALA A 162 -13.49 15.57 2.04
CA ALA A 162 -13.96 16.63 2.92
C ALA A 162 -15.46 16.56 3.13
N GLU A 163 -16.23 16.49 2.03
CA GLU A 163 -17.69 16.41 2.10
C GLU A 163 -18.16 15.10 2.72
N ASP A 164 -17.51 14.01 2.34
CA ASP A 164 -18.02 12.68 2.62
C ASP A 164 -17.28 12.02 3.77
N GLY A 165 -16.10 12.51 4.11
CA GLY A 165 -15.48 12.21 5.37
C GLY A 165 -14.19 11.43 5.22
N ILE A 166 -13.41 11.44 6.29
CA ILE A 166 -12.17 10.69 6.36
C ILE A 166 -12.28 9.72 7.52
N PRO A 167 -11.51 8.64 7.51
CA PRO A 167 -11.37 7.85 8.73
C PRO A 167 -10.50 8.60 9.71
N VAL A 168 -11.05 8.97 10.86
CA VAL A 168 -10.25 9.75 11.81
C VAL A 168 -9.01 8.95 12.15
N THR A 169 -7.86 9.52 11.86
CA THR A 169 -6.63 8.93 12.35
C THR A 169 -6.54 9.04 13.87
N ALA A 170 -5.76 8.13 14.45
CA ALA A 170 -5.55 8.17 15.88
C ALA A 170 -4.72 9.39 16.27
N SER A 171 -3.75 9.77 15.43
CA SER A 171 -2.93 10.92 15.82
C SER A 171 -3.72 12.24 15.72
N GLN A 172 -4.67 12.33 14.79
CA GLN A 172 -5.59 13.47 14.77
C GLN A 172 -6.44 13.52 16.02
N ALA A 173 -6.94 12.35 16.45
CA ALA A 173 -7.68 12.29 17.71
C ALA A 173 -6.78 12.67 18.89
N HIS A 174 -5.57 12.11 18.93
CA HIS A 174 -4.66 12.37 20.04
C HIS A 174 -4.24 13.83 20.09
N ALA A 175 -3.77 14.36 18.96
CA ALA A 175 -3.38 15.77 18.91
C ALA A 175 -4.51 16.68 19.38
N THR A 176 -5.74 16.42 18.90
CA THR A 176 -6.89 17.21 19.30
C THR A 176 -7.19 17.08 20.79
N ALA A 177 -7.14 15.87 21.33
CA ALA A 177 -7.36 15.72 22.78
C ALA A 177 -6.28 16.45 23.57
N SER A 178 -5.03 16.26 23.19
CA SER A 178 -3.91 16.77 23.96
C SER A 178 -3.71 18.26 23.80
N LYS A 179 -4.48 18.91 22.93
CA LYS A 179 -4.47 20.36 22.79
C LYS A 179 -5.86 20.96 23.04
N LEU A 180 -6.81 20.13 23.49
CA LEU A 180 -8.19 20.56 23.58
C LEU A 180 -8.36 21.73 24.55
N GLU A 181 -7.73 21.67 25.72
CA GLU A 181 -7.96 22.70 26.72
C GLU A 181 -7.41 24.05 26.26
N GLU A 182 -6.29 24.03 25.54
CA GLU A 182 -5.62 25.27 25.15
C GLU A 182 -6.28 25.91 23.92
N LEU A 183 -6.57 25.11 22.89
CA LEU A 183 -7.21 25.58 21.66
C LEU A 183 -8.74 25.56 21.72
N ARG A 184 -9.36 25.16 22.84
CA ARG A 184 -10.81 25.00 22.87
C ARG A 184 -11.53 26.28 22.46
N HIS A 185 -10.97 27.44 22.78
CA HIS A 185 -11.69 28.70 22.63
C HIS A 185 -11.31 29.51 21.39
N GLN A 186 -10.33 29.05 20.60
CA GLN A 186 -9.82 29.84 19.48
C GLN A 186 -10.88 29.99 18.38
N PRO A 187 -10.83 31.08 17.62
CA PRO A 187 -11.87 31.32 16.63
C PRO A 187 -11.92 30.18 15.63
N GLY A 188 -13.07 29.53 15.55
CA GLY A 188 -13.25 28.46 14.60
C GLY A 188 -12.84 27.09 15.06
N PHE A 189 -12.13 26.96 16.19
CA PHE A 189 -11.58 25.67 16.57
C PHE A 189 -12.68 24.62 16.82
N SER A 190 -13.52 24.84 17.84
CA SER A 190 -14.47 23.81 18.27
C SER A 190 -15.45 23.44 17.16
N GLU A 191 -15.97 24.44 16.45
CA GLU A 191 -16.91 24.18 15.36
C GLU A 191 -16.30 23.29 14.27
N THR A 192 -14.98 23.28 14.16
CA THR A 192 -14.33 22.68 13.02
C THR A 192 -13.63 21.37 13.35
N TRP A 193 -13.02 21.26 14.53
CA TRP A 193 -12.26 20.09 14.93
C TRP A 193 -12.91 19.21 15.99
N LEU A 194 -13.92 19.69 16.69
CA LEU A 194 -14.49 18.92 17.77
C LEU A 194 -15.74 18.19 17.33
N VAL A 195 -16.10 17.18 18.11
CA VAL A 195 -17.35 16.44 17.92
C VAL A 195 -18.00 16.32 19.28
N ALA A 196 -19.21 16.85 19.41
CA ALA A 196 -19.88 17.00 20.71
C ALA A 196 -18.97 17.69 21.71
N GLY A 197 -18.03 18.48 21.22
CA GLY A 197 -17.18 19.26 22.08
C GLY A 197 -15.99 18.52 22.64
N GLU A 198 -15.74 17.28 22.21
CA GLU A 198 -14.50 16.57 22.55
C GLU A 198 -13.77 16.21 21.27
N ALA A 199 -12.62 15.54 21.45
CA ALA A 199 -11.85 15.03 20.31
C ALA A 199 -12.60 13.88 19.63
N PRO A 200 -12.62 13.85 18.29
CA PRO A 200 -13.37 12.80 17.59
C PRO A 200 -12.75 11.43 17.83
N ARG A 201 -13.58 10.41 17.78
CA ARG A 201 -13.12 9.06 18.08
C ARG A 201 -12.32 8.50 16.91
N PRO A 202 -11.15 7.89 17.17
CA PRO A 202 -10.42 7.23 16.09
C PRO A 202 -11.30 6.20 15.38
N GLY A 203 -11.15 6.12 14.06
CA GLY A 203 -11.97 5.19 13.30
C GLY A 203 -13.35 5.68 12.92
N SER A 204 -13.74 6.89 13.35
CA SER A 204 -15.02 7.49 13.01
C SER A 204 -14.94 8.28 11.72
N ARG A 205 -16.09 8.48 11.10
CA ARG A 205 -16.17 9.31 9.91
C ARG A 205 -16.21 10.77 10.32
N PHE A 206 -15.33 11.58 9.73
CA PHE A 206 -15.17 12.98 10.11
C PHE A 206 -15.23 13.81 8.83
N ARG A 207 -16.14 14.78 8.80
CA ARG A 207 -16.39 15.62 7.64
C ARG A 207 -15.74 16.98 7.85
N GLN A 208 -15.60 17.70 6.76
CA GLN A 208 -15.11 19.08 6.79
C GLN A 208 -15.90 19.81 5.72
N PRO A 209 -17.16 20.14 6.02
CA PRO A 209 -18.00 20.74 4.97
C PRO A 209 -17.50 22.09 4.54
N ALA A 210 -16.85 22.82 5.44
CA ALA A 210 -16.28 24.11 5.08
C ALA A 210 -15.11 23.93 4.14
N LEU A 211 -14.17 23.05 4.48
CA LEU A 211 -12.98 22.87 3.64
C LEU A 211 -13.35 22.45 2.23
N ALA A 212 -14.46 21.74 2.06
CA ALA A 212 -14.87 21.32 0.73
C ALA A 212 -15.31 22.51 -0.13
N GLY A 213 -16.06 23.45 0.42
CA GLY A 213 -16.37 24.67 -0.32
C GLY A 213 -15.11 25.42 -0.73
N THR A 214 -14.12 25.47 0.16
CA THR A 214 -12.85 26.07 -0.19
C THR A 214 -12.20 25.33 -1.36
N LEU A 215 -12.05 24.01 -1.24
CA LEU A 215 -11.44 23.23 -2.31
C LEU A 215 -12.26 23.30 -3.59
N ARG A 216 -13.59 23.36 -3.48
CA ARG A 216 -14.41 23.52 -4.67
C ARG A 216 -14.20 24.89 -5.32
N MET A 217 -13.96 25.93 -4.51
CA MET A 217 -13.61 27.23 -5.08
C MET A 217 -12.28 27.17 -5.83
N LEU A 218 -11.27 26.52 -5.26
CA LEU A 218 -9.99 26.38 -5.95
C LEU A 218 -10.15 25.70 -7.30
N ALA A 219 -11.07 24.73 -7.39
CA ALA A 219 -11.25 23.98 -8.62
C ALA A 219 -11.97 24.79 -9.69
N SER A 220 -12.93 25.64 -9.29
CA SER A 220 -13.66 26.43 -10.26
C SER A 220 -12.86 27.63 -10.70
N ASP A 221 -12.32 28.38 -9.71
CA ASP A 221 -11.55 29.62 -9.89
C ASP A 221 -10.08 29.39 -10.23
N GLY A 222 -9.49 28.27 -9.86
CA GLY A 222 -8.06 28.11 -10.05
C GLY A 222 -7.26 28.27 -8.77
N LEU A 223 -6.14 27.57 -8.69
CA LEU A 223 -5.35 27.56 -7.45
C LEU A 223 -4.91 28.95 -7.06
N ASP A 224 -4.57 29.79 -8.03
CA ASP A 224 -4.04 31.09 -7.66
C ASP A 224 -5.11 32.02 -7.10
N SER A 225 -6.39 31.70 -7.28
CA SER A 225 -7.45 32.51 -6.67
C SER A 225 -7.32 32.58 -5.16
N PHE A 226 -6.56 31.68 -4.55
CA PHE A 226 -6.26 31.74 -3.13
C PHE A 226 -5.59 33.05 -2.76
N TYR A 227 -4.78 33.62 -3.65
CA TYR A 227 -4.10 34.88 -3.39
C TYR A 227 -4.60 36.05 -4.23
N ARG A 228 -5.30 35.77 -5.35
CA ARG A 228 -5.66 36.80 -6.33
C ARG A 228 -7.07 36.63 -6.89
N GLY A 229 -7.94 35.85 -6.25
CA GLY A 229 -9.28 35.65 -6.72
C GLY A 229 -10.31 35.77 -5.62
N PRO A 230 -11.53 35.24 -5.87
CA PRO A 230 -12.60 35.32 -4.84
C PRO A 230 -12.22 34.76 -3.49
N LEU A 231 -11.56 33.61 -3.46
CA LEU A 231 -11.15 33.01 -2.20
C LEU A 231 -10.15 33.89 -1.45
N ALA A 232 -9.30 34.63 -2.18
CA ALA A 232 -8.39 35.51 -1.47
C ALA A 232 -9.15 36.60 -0.75
N GLU A 233 -10.17 37.15 -1.40
CA GLU A 233 -10.97 38.20 -0.77
C GLU A 233 -11.80 37.65 0.38
N ARG A 234 -12.34 36.43 0.26
CA ARG A 234 -12.98 35.83 1.40
C ARG A 234 -11.99 35.58 2.53
N LEU A 235 -10.75 35.25 2.21
CA LEU A 235 -9.73 35.09 3.26
C LEU A 235 -9.39 36.43 3.90
N ALA A 236 -9.48 37.52 3.14
CA ALA A 236 -9.11 38.84 3.65
C ALA A 236 -10.10 39.31 4.71
N GLN A 237 -11.39 39.24 4.39
CA GLN A 237 -12.41 39.59 5.37
C GLN A 237 -12.21 38.80 6.66
N GLY A 238 -12.06 37.48 6.53
CA GLY A 238 -11.83 36.64 7.70
C GLY A 238 -10.67 37.10 8.55
N MET A 239 -9.58 37.50 7.90
CA MET A 239 -8.45 38.04 8.65
C MET A 239 -8.83 39.34 9.36
N ALA A 240 -9.58 40.21 8.68
CA ALA A 240 -9.98 41.47 9.31
C ALA A 240 -10.83 41.20 10.53
N ALA A 241 -11.96 40.50 10.34
CA ALA A 241 -12.87 40.16 11.42
C ALA A 241 -12.14 39.54 12.61
N LEU A 242 -11.05 38.80 12.34
CA LEU A 242 -10.31 38.07 13.36
C LEU A 242 -9.26 38.92 14.07
N GLY A 243 -8.82 40.01 13.46
CA GLY A 243 -7.69 40.73 14.00
C GLY A 243 -6.36 40.15 13.62
N MET A 244 -6.27 39.58 12.50
CA MET A 244 -5.02 38.98 12.08
C MET A 244 -4.15 40.02 11.36
N PRO A 245 -2.84 40.04 11.62
CA PRO A 245 -1.98 41.07 11.02
C PRO A 245 -1.66 40.85 9.55
N ILE A 246 -2.64 40.45 8.74
CA ILE A 246 -2.43 40.12 7.34
C ILE A 246 -3.47 40.86 6.50
N THR A 247 -3.07 41.33 5.32
CA THR A 247 -3.93 42.08 4.43
C THR A 247 -4.10 41.36 3.10
N LEU A 248 -5.11 41.79 2.35
CA LEU A 248 -5.28 41.32 0.98
C LEU A 248 -4.06 41.64 0.15
N GLY A 249 -3.43 42.79 0.40
CA GLY A 249 -2.21 43.11 -0.32
C GLY A 249 -1.15 42.06 -0.09
N ASP A 250 -1.05 41.56 1.15
CA ASP A 250 -0.05 40.56 1.46
C ASP A 250 -0.22 39.32 0.60
N LEU A 251 -1.48 38.86 0.43
CA LEU A 251 -1.77 37.69 -0.40
C LEU A 251 -1.46 37.96 -1.86
N GLN A 252 -2.06 39.01 -2.42
CA GLN A 252 -1.85 39.32 -3.83
C GLN A 252 -0.37 39.49 -4.18
N ALA A 253 0.44 40.03 -3.26
CA ALA A 253 1.86 40.28 -3.49
C ALA A 253 2.75 39.04 -3.40
N HIS A 254 2.20 37.84 -3.25
CA HIS A 254 2.97 36.70 -2.78
C HIS A 254 3.15 35.65 -3.87
N ARG A 255 4.39 35.28 -4.12
CA ARG A 255 4.72 34.19 -5.04
C ARG A 255 5.62 33.18 -4.34
N ALA A 256 5.50 31.92 -4.73
CA ALA A 256 6.51 30.96 -4.30
C ALA A 256 7.87 31.39 -4.86
N ARG A 257 8.89 31.30 -4.01
CA ARG A 257 10.27 31.59 -4.39
C ARG A 257 10.90 30.39 -5.09
N ARG A 258 12.01 30.64 -5.78
CA ARG A 258 12.76 29.57 -6.44
C ARG A 258 14.24 29.70 -6.16
N PRO A 259 14.68 29.42 -4.94
CA PRO A 259 16.10 29.45 -4.63
C PRO A 259 16.79 28.26 -5.25
N GLY A 260 18.11 28.31 -5.20
CA GLY A 260 18.93 27.23 -5.63
C GLY A 260 19.12 26.23 -4.51
N PRO A 261 19.07 24.94 -4.83
CA PRO A 261 19.30 23.92 -3.81
C PRO A 261 20.73 24.00 -3.33
N LEU A 262 20.95 23.80 -2.03
CA LEU A 262 22.30 23.54 -1.54
C LEU A 262 22.76 22.17 -2.04
N THR A 263 23.86 22.15 -2.78
CA THR A 263 24.31 20.97 -3.53
C THR A 263 25.56 20.37 -2.88
N LEU A 264 25.55 19.05 -2.64
CA LEU A 264 26.70 18.32 -2.09
C LEU A 264 27.23 17.32 -3.11
N GLN A 265 28.51 17.50 -3.52
CA GLN A 265 29.21 16.55 -4.38
C GLN A 265 29.93 15.52 -3.51
N HIS A 266 29.67 14.24 -3.77
CA HIS A 266 30.37 13.19 -3.04
C HIS A 266 30.91 12.17 -4.04
N GLN A 267 31.62 11.16 -3.51
CA GLN A 267 32.28 10.22 -4.38
C GLN A 267 31.28 9.49 -5.26
N GLN A 268 30.10 9.20 -4.72
CA GLN A 268 29.09 8.47 -5.48
C GLN A 268 28.13 9.38 -6.25
N GLY A 269 28.17 10.69 -6.05
CA GLY A 269 27.42 11.59 -6.91
C GLY A 269 27.06 12.90 -6.21
N THR A 270 25.88 13.42 -6.56
CA THR A 270 25.37 14.70 -6.12
C THR A 270 24.13 14.51 -5.26
N LEU A 271 24.00 15.35 -4.22
CA LEU A 271 22.89 15.30 -3.27
C LEU A 271 22.45 16.73 -2.97
N TRP A 272 21.14 16.94 -2.94
CA TRP A 272 20.61 18.29 -2.77
C TRP A 272 19.73 18.37 -1.52
N ASN A 273 19.78 19.54 -0.88
CA ASN A 273 18.88 19.89 0.22
C ASN A 273 18.37 21.30 -0.03
N LEU A 274 17.11 21.55 0.23
CA LEU A 274 16.59 22.91 0.22
C LEU A 274 16.84 23.48 1.61
N ALA A 275 17.75 24.44 1.70
CA ALA A 275 18.07 25.15 2.93
C ALA A 275 19.00 26.34 2.63
N PRO A 276 18.82 27.45 3.35
CA PRO A 276 19.75 28.57 3.18
C PRO A 276 21.11 28.24 3.75
N PRO A 277 22.18 28.86 3.21
CA PRO A 277 23.55 28.47 3.60
C PRO A 277 23.83 28.47 5.09
N THR A 278 23.10 29.26 5.90
CA THR A 278 23.35 29.26 7.33
C THR A 278 22.87 27.97 8.00
N GLN A 279 21.68 27.47 7.62
CA GLN A 279 21.04 26.34 8.29
C GLN A 279 21.45 24.99 7.74
N GLY A 280 21.86 24.92 6.48
CA GLY A 280 22.06 23.63 5.84
C GLY A 280 23.50 23.26 5.63
N LEU A 281 24.42 24.20 5.80
CA LEU A 281 25.84 23.88 5.72
C LEU A 281 26.20 22.76 6.69
N VAL A 282 25.74 22.86 7.95
CA VAL A 282 26.15 21.89 8.96
C VAL A 282 25.70 20.49 8.58
N SER A 283 24.45 20.34 8.13
CA SER A 283 23.95 19.00 7.82
C SER A 283 24.70 18.38 6.65
N LEU A 284 24.87 19.15 5.55
CA LEU A 284 25.52 18.60 4.37
C LEU A 284 27.00 18.29 4.64
N ALA A 285 27.66 19.12 5.44
CA ALA A 285 29.07 18.87 5.75
C ALA A 285 29.26 17.55 6.47
N ILE A 286 28.32 17.20 7.35
CA ILE A 286 28.37 15.89 8.02
C ILE A 286 28.66 14.81 7.00
N LEU A 287 27.82 14.72 5.96
CA LEU A 287 27.98 13.69 4.95
C LEU A 287 29.31 13.82 4.22
N GLY A 288 29.77 15.05 4.00
CA GLY A 288 31.09 15.25 3.42
C GLY A 288 32.21 15.31 4.45
N THR A 290 32.85 12.55 6.36
CA THR A 290 32.44 11.14 6.28
C THR A 290 32.86 10.50 4.96
N ASP A 291 32.17 10.90 3.89
CA ASP A 291 32.45 10.49 2.51
C ASP A 291 33.91 10.69 2.11
N LYS A 294 35.70 6.85 4.81
CA LYS A 294 35.77 5.46 4.35
C LYS A 294 34.98 4.56 5.29
N MET A 295 33.75 4.22 4.86
CA MET A 295 32.72 3.74 5.77
C MET A 295 32.10 2.40 5.42
N ALA A 296 32.51 1.77 4.32
CA ALA A 296 31.86 0.54 3.84
C ALA A 296 31.78 -0.56 4.90
N ASP A 300 30.65 -1.75 13.58
CA ASP A 300 29.30 -1.21 13.46
C ASP A 300 29.04 -0.04 14.41
N ALA A 301 29.57 -0.12 15.64
CA ALA A 301 29.40 1.00 16.57
C ALA A 301 30.28 2.17 16.17
N GLN A 302 31.39 1.90 15.47
CA GLN A 302 32.18 2.97 14.87
C GLN A 302 31.32 3.85 13.98
N THR A 303 30.25 3.29 13.41
CA THR A 303 29.45 4.01 12.43
C THR A 303 28.81 5.24 13.04
N VAL A 304 28.29 5.10 14.27
CA VAL A 304 27.71 6.26 14.92
C VAL A 304 28.82 7.21 15.39
N HIS A 305 29.96 6.65 15.83
CA HIS A 305 31.03 7.48 16.35
C HIS A 305 31.68 8.33 15.27
N ARG A 306 31.94 7.74 14.10
CA ARG A 306 32.60 8.46 13.01
C ARG A 306 31.71 9.55 12.39
N VAL A 308 29.12 11.12 14.18
CA VAL A 308 28.96 11.98 15.35
C VAL A 308 30.22 12.76 15.60
N GLU A 309 31.38 12.11 15.52
CA GLU A 309 32.64 12.85 15.58
C GLU A 309 32.73 13.82 14.40
N ALA A 310 32.27 13.39 13.22
CA ALA A 310 32.21 14.30 12.08
C ALA A 310 31.29 15.48 12.34
N THR A 311 30.22 15.26 13.11
CA THR A 311 29.29 16.35 13.39
C THR A 311 29.88 17.36 14.38
N LYS A 312 30.64 16.86 15.35
CA LYS A 312 31.37 17.77 16.25
C LYS A 312 32.25 18.71 15.42
N ARG A 313 33.17 18.14 14.64
CA ARG A 313 34.06 18.93 13.78
C ARG A 313 33.31 19.73 12.71
N ALA A 314 32.01 19.51 12.55
CA ALA A 314 31.24 20.17 11.49
C ALA A 314 30.64 21.50 11.93
N PHE A 315 29.94 21.52 13.07
CA PHE A 315 29.50 22.79 13.64
C PHE A 315 30.67 23.76 13.78
N ALA A 316 31.84 23.25 14.16
CA ALA A 316 33.04 24.07 14.22
C ALA A 316 33.32 24.77 12.90
N LEU A 317 33.11 24.05 11.78
CA LEU A 317 33.35 24.65 10.47
C LEU A 317 32.41 25.80 10.16
N ARG A 318 31.22 25.82 10.78
CA ARG A 318 30.35 26.98 10.62
C ARG A 318 30.92 28.21 11.32
N ASP A 319 31.48 28.03 12.51
CA ASP A 319 32.02 29.14 13.29
C ASP A 319 33.43 29.51 12.84
N THR A 323 29.29 35.32 10.98
CA THR A 323 28.83 36.71 11.14
C THR A 323 27.40 36.75 11.71
N ASP A 324 26.41 36.63 10.80
CA ASP A 324 24.99 36.51 11.08
C ASP A 324 24.50 35.20 10.45
N PRO A 325 23.33 35.14 9.76
CA PRO A 325 23.19 34.15 8.68
C PRO A 325 24.08 34.45 7.46
N ARG A 326 25.37 34.68 7.69
CA ARG A 326 26.37 35.13 6.70
C ARG A 326 25.77 35.83 5.47
N GLN A 333 29.86 30.32 -1.31
CA GLN A 333 29.45 29.53 -0.14
C GLN A 333 29.76 28.03 -0.29
N GLN A 334 29.59 27.50 -1.50
CA GLN A 334 29.82 26.07 -1.71
C GLN A 334 31.26 25.67 -1.41
N LEU A 335 31.67 25.71 -0.14
CA LEU A 335 32.97 25.15 0.21
C LEU A 335 32.94 23.63 0.32
N LEU A 336 31.77 23.02 0.52
CA LEU A 336 31.58 21.58 0.75
C LEU A 336 32.23 20.67 -0.29
N THR A 337 33.51 20.86 -0.52
CA THR A 337 34.36 20.13 -1.45
C THR A 337 35.26 19.16 -0.71
N PRO A 338 35.63 18.03 -1.32
CA PRO A 338 36.63 17.16 -0.69
C PRO A 338 37.97 17.84 -0.54
N GLU A 339 38.25 18.87 -1.35
CA GLU A 339 39.39 19.75 -1.15
C GLU A 339 39.28 20.60 0.12
N ALA A 340 38.12 20.58 0.80
CA ALA A 340 37.87 21.44 1.95
C ALA A 340 37.44 20.69 3.20
N LEU A 341 36.97 19.45 3.08
CA LEU A 341 36.56 18.69 4.26
C LEU A 341 37.57 17.63 4.68
N GLN A 342 38.50 17.26 3.79
CA GLN A 342 39.55 16.31 4.14
C GLN A 342 40.27 16.66 5.44
N PRO A 343 40.53 17.93 5.78
CA PRO A 343 40.93 18.19 7.17
C PRO A 343 39.76 18.17 8.15
N ALA A 345 37.66 15.51 9.27
CA ALA A 345 37.70 14.21 8.60
C ALA A 345 38.97 13.43 8.93
N ASP A 346 40.11 13.86 8.37
CA ASP A 346 41.43 13.26 8.64
C ASP A 346 41.72 13.14 10.14
N SER A 347 40.92 13.82 10.96
CA SER A 347 40.91 13.65 12.40
C SER A 347 40.11 12.41 12.82
N SER B 27 -3.07 -0.41 10.27
CA SER B 27 -4.29 -0.83 9.58
C SER B 27 -4.92 0.29 8.73
N ASN B 28 -4.97 0.06 7.41
CA ASN B 28 -5.48 1.04 6.45
C ASN B 28 -7.00 1.08 6.45
N VAL B 29 -7.57 2.28 6.59
CA VAL B 29 -9.02 2.45 6.58
C VAL B 29 -9.36 3.34 5.38
N SER B 30 -10.42 2.98 4.66
CA SER B 30 -10.82 3.76 3.49
C SER B 30 -12.32 3.95 3.47
N THR B 31 -12.81 4.67 2.45
CA THR B 31 -14.21 5.07 2.36
C THR B 31 -14.93 4.59 1.12
N HIS B 32 -14.22 4.21 0.06
CA HIS B 32 -14.84 3.85 -1.22
C HIS B 32 -14.61 2.41 -1.62
N GLY B 33 -13.36 1.96 -1.64
CA GLY B 33 -13.03 0.62 -2.06
C GLY B 33 -11.78 0.15 -1.35
N MET B 34 -11.54 -1.16 -1.38
CA MET B 34 -10.43 -1.73 -0.64
C MET B 34 -10.07 -3.09 -1.22
N ALA B 35 -8.78 -3.29 -1.54
CA ALA B 35 -8.29 -4.56 -2.07
C ALA B 35 -7.14 -5.08 -1.21
N VAL B 36 -7.23 -6.33 -0.76
CA VAL B 36 -6.15 -7.01 -0.04
C VAL B 36 -5.68 -8.22 -0.85
N ALA B 37 -4.37 -8.32 -1.04
CA ALA B 37 -3.73 -9.33 -1.87
C ALA B 37 -2.34 -9.58 -1.32
N PRO B 38 -1.75 -10.73 -1.62
CA PRO B 38 -0.40 -11.04 -1.09
C PRO B 38 0.72 -10.27 -1.75
N HIS B 39 0.46 -9.56 -2.85
CA HIS B 39 1.45 -8.73 -3.51
C HIS B 39 0.81 -7.41 -3.91
N HIS B 40 1.50 -6.31 -3.57
CA HIS B 40 0.93 -4.98 -3.69
C HIS B 40 0.61 -4.62 -5.13
N LEU B 41 1.29 -5.22 -6.09
CA LEU B 41 0.93 -4.91 -7.46
C LEU B 41 -0.44 -5.45 -7.81
N ALA B 42 -0.82 -6.57 -7.20
CA ALA B 42 -2.17 -7.10 -7.43
C ALA B 42 -3.20 -6.21 -6.77
N SER B 43 -2.93 -5.81 -5.52
CA SER B 43 -3.79 -4.89 -4.79
C SER B 43 -4.06 -3.63 -5.59
N GLN B 44 -3.01 -3.05 -6.20
CA GLN B 44 -3.15 -1.81 -6.95
C GLN B 44 -3.85 -2.01 -8.28
N SER B 45 -3.80 -3.19 -8.86
CA SER B 45 -4.54 -3.44 -10.09
C SER B 45 -6.03 -3.61 -9.79
N ALA B 46 -6.35 -4.34 -8.72
CA ALA B 46 -7.74 -4.36 -8.27
C ALA B 46 -8.22 -2.95 -7.96
N LEU B 47 -7.39 -2.15 -7.30
CA LEU B 47 -7.80 -0.80 -6.91
C LEU B 47 -8.08 0.08 -8.11
N ALA B 48 -7.28 -0.06 -9.18
CA ALA B 48 -7.47 0.79 -10.35
C ALA B 48 -8.82 0.52 -11.00
N ILE B 49 -9.20 -0.76 -11.14
CA ILE B 49 -10.48 -1.09 -11.74
C ILE B 49 -11.63 -0.46 -10.94
N LEU B 50 -11.58 -0.57 -9.61
CA LEU B 50 -12.58 0.06 -8.76
C LEU B 50 -12.68 1.56 -9.03
N ARG B 51 -11.54 2.27 -8.90
CA ARG B 51 -11.50 3.71 -9.15
C ARG B 51 -12.03 4.06 -10.54
N GLU B 52 -12.09 3.08 -11.46
CA GLU B 52 -12.57 3.31 -12.81
C GLU B 52 -14.04 2.97 -12.99
N GLY B 53 -14.77 2.74 -11.89
CA GLY B 53 -16.17 2.34 -11.94
C GLY B 53 -16.45 0.84 -11.97
N GLY B 54 -15.42 -0.01 -11.95
CA GLY B 54 -15.66 -1.44 -11.98
C GLY B 54 -16.10 -2.04 -10.66
N SER B 55 -16.70 -3.22 -10.73
CA SER B 55 -17.17 -3.88 -9.51
C SER B 55 -16.03 -4.65 -8.86
N ALA B 56 -16.26 -5.04 -7.59
CA ALA B 56 -15.27 -5.86 -6.89
C ALA B 56 -14.96 -7.13 -7.65
N ILE B 57 -15.95 -7.67 -8.38
CA ILE B 57 -15.74 -8.91 -9.12
C ILE B 57 -14.78 -8.67 -10.27
N GLU B 58 -15.01 -7.59 -11.03
CA GLU B 58 -14.05 -7.21 -12.05
C GLU B 58 -12.70 -6.85 -11.45
N ALA B 59 -12.72 -6.19 -10.31
CA ALA B 59 -11.44 -5.84 -9.67
C ALA B 59 -10.69 -7.10 -9.28
N MET B 60 -11.41 -8.09 -8.78
CA MET B 60 -10.79 -9.36 -8.39
C MET B 60 -10.26 -10.11 -9.59
N VAL B 61 -10.90 -10.00 -10.75
CA VAL B 61 -10.42 -10.73 -11.93
C VAL B 61 -9.11 -10.13 -12.42
N ALA B 62 -9.08 -8.80 -12.59
CA ALA B 62 -7.83 -8.13 -12.91
C ALA B 62 -6.75 -8.48 -11.89
N ALA B 63 -7.14 -8.59 -10.62
CA ALA B 63 -6.19 -9.00 -9.60
C ALA B 63 -5.78 -10.44 -9.79
N ALA B 64 -6.76 -11.30 -10.09
CA ALA B 64 -6.50 -12.71 -10.37
C ALA B 64 -5.49 -12.91 -11.48
N ALA B 65 -5.48 -12.02 -12.48
CA ALA B 65 -4.52 -12.11 -13.56
C ALA B 65 -3.15 -11.53 -13.16
N ALA B 66 -3.12 -10.36 -12.53
CA ALA B 66 -1.84 -9.76 -12.15
C ALA B 66 -1.06 -10.63 -11.18
N ILE B 67 -1.73 -11.25 -10.20
CA ILE B 67 -1.07 -12.17 -9.26
C ILE B 67 -0.60 -13.46 -9.95
N ALA B 68 -1.13 -13.74 -11.14
CA ALA B 68 -0.62 -14.86 -11.93
C ALA B 68 0.72 -14.49 -12.57
N VAL B 69 0.85 -13.24 -13.01
CA VAL B 69 2.12 -12.78 -13.57
C VAL B 69 3.16 -12.51 -12.48
N VAL B 70 2.78 -11.93 -11.34
CA VAL B 70 3.76 -11.47 -10.35
C VAL B 70 4.17 -12.56 -9.36
N TYR B 71 3.28 -13.50 -9.03
CA TYR B 71 3.68 -14.65 -8.22
C TYR B 71 3.59 -15.94 -9.01
N PRO B 72 4.31 -16.08 -10.13
CA PRO B 72 4.06 -17.24 -11.01
C PRO B 72 4.34 -18.59 -10.37
N HIS B 73 5.10 -18.64 -9.28
CA HIS B 73 5.47 -19.93 -8.72
C HIS B 73 4.41 -20.50 -7.83
N MET B 74 3.53 -19.65 -7.30
CA MET B 74 2.54 -20.07 -6.31
C MET B 74 1.13 -20.21 -6.89
N ASN B 75 0.90 -19.73 -8.11
CA ASN B 75 -0.41 -19.72 -8.74
C ASN B 75 -0.25 -19.14 -10.14
N GLY B 76 -1.31 -19.23 -10.94
CA GLY B 76 -1.33 -18.60 -12.24
C GLY B 76 -2.46 -19.15 -13.09
N LEU B 77 -2.44 -18.77 -14.38
CA LEU B 77 -3.45 -19.26 -15.32
C LEU B 77 -3.47 -20.77 -15.47
N GLY B 78 -2.55 -21.51 -14.86
CA GLY B 78 -2.48 -22.94 -15.09
C GLY B 78 -3.04 -23.74 -13.94
N GLY B 79 -3.93 -23.12 -13.15
CA GLY B 79 -4.48 -23.78 -11.98
C GLY B 79 -5.96 -23.57 -11.73
N ASP B 80 -6.38 -23.79 -10.48
CA ASP B 80 -7.77 -23.75 -10.06
C ASP B 80 -8.07 -22.51 -9.25
N GLY B 81 -9.36 -22.19 -9.14
CA GLY B 81 -9.79 -20.98 -8.45
C GLY B 81 -11.09 -21.20 -7.71
N PHE B 82 -11.29 -20.38 -6.67
CA PHE B 82 -12.43 -20.54 -5.78
C PHE B 82 -12.92 -19.18 -5.34
N TRP B 83 -14.22 -18.91 -5.55
CA TRP B 83 -14.84 -17.63 -5.21
C TRP B 83 -15.90 -17.81 -4.16
N LEU B 84 -15.95 -16.87 -3.22
CA LEU B 84 -17.15 -16.65 -2.44
C LEU B 84 -17.52 -15.19 -2.62
N ILE B 85 -18.74 -14.96 -3.10
CA ILE B 85 -19.22 -13.63 -3.42
C ILE B 85 -20.43 -13.33 -2.56
N VAL B 86 -20.37 -12.24 -1.83
CA VAL B 86 -21.47 -11.80 -0.97
C VAL B 86 -22.00 -10.50 -1.52
N PRO B 87 -23.16 -10.51 -2.17
CA PRO B 87 -23.72 -9.28 -2.71
C PRO B 87 -24.18 -8.37 -1.59
N PRO B 88 -24.42 -7.10 -1.86
CA PRO B 88 -24.82 -6.17 -0.77
C PRO B 88 -25.98 -6.69 0.09
N GLU B 89 -27.05 -7.20 -0.52
CA GLU B 89 -28.23 -7.65 0.21
C GLU B 89 -28.51 -9.15 0.08
N GLY B 90 -28.27 -9.75 -1.08
CA GLY B 90 -28.76 -11.09 -1.36
C GLY B 90 -28.01 -12.22 -0.65
N ASP B 91 -28.31 -13.44 -1.12
CA ASP B 91 -27.61 -14.64 -0.69
C ASP B 91 -26.22 -14.71 -1.34
N PRO B 92 -25.26 -15.37 -0.70
CA PRO B 92 -23.92 -15.46 -1.27
C PRO B 92 -23.83 -16.48 -2.39
N ILE B 93 -22.88 -16.25 -3.30
CA ILE B 93 -22.67 -17.12 -4.45
C ILE B 93 -21.26 -17.70 -4.36
N ALA B 94 -21.15 -19.02 -4.45
CA ALA B 94 -19.86 -19.69 -4.38
C ALA B 94 -19.49 -20.20 -5.77
N ILE B 95 -18.21 -20.12 -6.11
CA ILE B 95 -17.72 -20.55 -7.41
C ILE B 95 -16.56 -21.49 -7.16
N ASP B 96 -16.78 -22.78 -7.43
CA ASP B 96 -15.73 -23.80 -7.44
C ASP B 96 -15.25 -23.94 -8.87
N ALA B 97 -14.12 -23.32 -9.18
CA ALA B 97 -13.56 -23.34 -10.53
C ALA B 97 -12.40 -24.32 -10.65
N SER B 98 -12.60 -25.58 -10.28
CA SER B 98 -11.55 -26.59 -10.38
C SER B 98 -11.90 -27.65 -11.41
N GLY B 99 -10.88 -28.03 -12.22
CA GLY B 99 -11.07 -28.96 -13.30
C GLY B 99 -10.90 -30.41 -12.85
N ALA B 100 -11.46 -31.32 -13.66
CA ALA B 100 -11.37 -32.75 -13.41
C ALA B 100 -10.15 -33.35 -14.10
N ALA B 101 -9.77 -34.55 -13.66
CA ALA B 101 -8.70 -35.31 -14.29
C ALA B 101 -8.94 -35.44 -15.78
N GLY B 102 -7.89 -35.63 -16.55
CA GLY B 102 -8.02 -35.71 -17.99
C GLY B 102 -8.66 -37.01 -18.44
N SER B 103 -9.15 -36.98 -19.68
CA SER B 103 -9.78 -38.17 -20.22
C SER B 103 -8.78 -39.31 -20.39
N LEU B 104 -7.48 -39.02 -20.43
CA LEU B 104 -6.47 -40.08 -20.50
C LEU B 104 -5.91 -40.49 -19.14
N ALA B 105 -6.37 -39.87 -18.05
CA ALA B 105 -5.79 -40.16 -16.73
C ALA B 105 -6.49 -41.38 -16.10
N THR B 106 -6.17 -42.56 -16.65
CA THR B 106 -6.79 -43.82 -16.27
C THR B 106 -5.90 -44.60 -15.31
N LEU B 107 -6.54 -45.42 -14.47
CA LEU B 107 -5.79 -46.23 -13.52
C LEU B 107 -4.72 -47.09 -14.21
N GLU B 108 -4.95 -47.45 -15.47
CA GLU B 108 -3.99 -48.27 -16.19
C GLU B 108 -2.73 -47.47 -16.53
N ALA B 109 -2.90 -46.26 -17.05
CA ALA B 109 -1.76 -45.46 -17.49
C ALA B 109 -0.75 -45.18 -16.37
N TYR B 110 -1.13 -45.42 -15.11
CA TYR B 110 -0.27 -45.25 -13.95
C TYR B 110 -0.11 -46.59 -13.22
N ALA B 111 -0.04 -47.69 -13.96
CA ALA B 111 0.21 -48.98 -13.36
C ALA B 111 1.69 -49.14 -13.07
N GLY B 112 1.99 -49.70 -11.89
CA GLY B 112 3.36 -49.88 -11.46
C GLY B 112 3.84 -48.76 -10.55
N GLN B 113 3.40 -47.54 -10.83
CA GLN B 113 3.67 -46.42 -9.93
C GLN B 113 2.82 -46.57 -8.67
N ARG B 114 3.44 -46.39 -7.50
CA ARG B 114 2.76 -46.57 -6.22
C ARG B 114 1.99 -45.34 -5.78
N HIS B 115 2.03 -44.26 -6.55
CA HIS B 115 1.32 -43.01 -6.33
C HIS B 115 1.41 -42.26 -7.65
N ILE B 116 0.64 -41.18 -7.76
CA ILE B 116 0.72 -40.36 -8.97
C ILE B 116 1.89 -39.41 -8.84
N PRO B 117 2.79 -39.35 -9.83
CA PRO B 117 3.92 -38.43 -9.75
C PRO B 117 3.45 -36.98 -9.59
N ASN B 118 4.34 -36.17 -9.02
CA ASN B 118 4.12 -34.75 -8.76
C ASN B 118 4.75 -33.84 -9.80
N ARG B 119 5.85 -34.23 -10.42
CA ARG B 119 6.44 -33.41 -11.47
C ARG B 119 6.31 -34.12 -12.81
N GLY B 120 6.64 -33.40 -13.88
CA GLY B 120 6.58 -33.94 -15.21
C GLY B 120 5.22 -33.81 -15.88
N PRO B 121 5.17 -34.07 -17.18
CA PRO B 121 3.90 -34.01 -17.91
C PRO B 121 2.82 -35.00 -17.42
N GLN B 122 3.18 -36.12 -16.77
CA GLN B 122 2.13 -37.04 -16.29
C GLN B 122 1.51 -36.58 -14.98
N ALA B 123 2.17 -35.70 -14.25
CA ALA B 123 1.64 -35.16 -13.00
C ALA B 123 0.66 -34.02 -13.26
N ALA B 124 0.69 -33.48 -14.48
CA ALA B 124 -0.19 -32.39 -14.90
C ALA B 124 -1.53 -32.93 -15.42
N LEU B 125 -2.24 -33.68 -14.56
CA LEU B 125 -3.38 -34.51 -15.00
C LEU B 125 -4.77 -33.89 -14.81
N THR B 126 -4.96 -32.87 -13.97
CA THR B 126 -6.28 -32.25 -13.89
C THR B 126 -6.31 -30.94 -14.67
N VAL B 127 -7.50 -30.62 -15.21
CA VAL B 127 -7.68 -29.43 -16.05
C VAL B 127 -7.56 -28.19 -15.16
N ALA B 128 -7.13 -27.08 -15.77
CA ALA B 128 -6.85 -25.84 -15.06
C ALA B 128 -8.10 -24.97 -15.06
N GLY B 129 -8.60 -24.64 -13.88
CA GLY B 129 -9.90 -24.01 -13.79
C GLY B 129 -10.06 -22.50 -13.63
N THR B 130 -9.08 -21.76 -13.07
CA THR B 130 -9.35 -20.37 -12.66
C THR B 130 -10.09 -19.58 -13.72
N VAL B 131 -9.66 -19.66 -14.97
CA VAL B 131 -10.27 -18.82 -16.00
C VAL B 131 -11.75 -19.17 -16.15
N SER B 132 -12.10 -20.45 -16.03
CA SER B 132 -13.53 -20.78 -15.98
C SER B 132 -14.18 -20.11 -14.77
N GLY B 133 -13.42 -19.91 -13.70
CA GLY B 133 -13.92 -19.11 -12.58
C GLY B 133 -14.03 -17.63 -12.91
N TRP B 134 -13.01 -17.05 -13.58
CA TRP B 134 -13.11 -15.64 -13.97
C TRP B 134 -14.31 -15.43 -14.87
N VAL B 135 -14.55 -16.38 -15.80
CA VAL B 135 -15.63 -16.24 -16.77
C VAL B 135 -16.99 -16.31 -16.09
N GLU B 136 -17.15 -17.18 -15.10
CA GLU B 136 -18.42 -17.27 -14.40
C GLU B 136 -18.65 -16.04 -13.53
N ALA B 137 -17.64 -15.64 -12.75
CA ALA B 137 -17.81 -14.48 -11.88
C ALA B 137 -18.20 -13.24 -12.69
N LEU B 138 -17.65 -13.09 -13.90
CA LEU B 138 -17.95 -11.91 -14.70
C LEU B 138 -19.41 -11.89 -15.14
N ARG B 139 -19.95 -13.04 -15.54
CA ARG B 139 -21.38 -13.12 -15.87
C ARG B 139 -22.25 -12.77 -14.65
N ILE B 140 -21.81 -13.17 -13.46
CA ILE B 140 -22.48 -12.75 -12.25
C ILE B 140 -22.38 -11.23 -12.07
N SER B 141 -21.22 -10.64 -12.43
CA SER B 141 -21.01 -9.19 -12.28
C SER B 141 -21.78 -8.36 -13.29
N ARG B 142 -22.13 -8.93 -14.45
CA ARG B 142 -23.08 -8.27 -15.34
C ARG B 142 -24.52 -8.50 -14.87
N ASP B 143 -24.75 -9.55 -14.10
CA ASP B 143 -26.06 -9.84 -13.55
C ASP B 143 -26.42 -8.86 -12.42
N LEU B 144 -25.48 -8.60 -11.50
CA LEU B 144 -25.74 -7.71 -10.36
C LEU B 144 -25.64 -6.23 -10.77
N THR B 145 -24.48 -5.82 -11.31
CA THR B 145 -24.39 -4.54 -12.00
C THR B 145 -25.27 -4.57 -13.25
N GLY B 146 -25.57 -3.41 -13.79
CA GLY B 146 -26.07 -3.36 -15.14
C GLY B 146 -24.99 -3.18 -16.18
N ARG B 147 -23.72 -3.21 -15.77
CA ARG B 147 -22.60 -2.78 -16.57
C ARG B 147 -21.54 -3.89 -16.62
N ALA B 148 -20.45 -3.58 -17.32
CA ALA B 148 -19.26 -4.40 -17.41
C ALA B 148 -18.19 -3.60 -18.15
N LEU B 149 -16.95 -3.73 -17.72
CA LEU B 149 -15.84 -3.12 -18.43
C LEU B 149 -15.33 -4.06 -19.52
N PRO B 150 -14.61 -3.55 -20.51
CA PRO B 150 -13.98 -4.44 -21.50
C PRO B 150 -13.02 -5.40 -20.82
N VAL B 151 -13.11 -6.69 -21.20
CA VAL B 151 -12.14 -7.66 -20.69
C VAL B 151 -10.72 -7.16 -20.95
N ALA B 152 -10.50 -6.51 -22.09
CA ALA B 152 -9.17 -6.02 -22.41
C ALA B 152 -8.63 -5.13 -21.31
N ARG B 153 -9.51 -4.45 -20.56
CA ARG B 153 -9.05 -3.62 -19.45
C ARG B 153 -8.67 -4.46 -18.25
N LEU B 154 -9.42 -5.52 -17.97
CA LEU B 154 -9.14 -6.34 -16.80
C LEU B 154 -7.81 -7.06 -16.93
N LEU B 155 -7.40 -7.40 -18.15
CA LEU B 155 -6.16 -8.14 -18.38
C LEU B 155 -4.96 -7.26 -18.72
N ALA B 156 -5.15 -5.94 -18.88
CA ALA B 156 -4.07 -5.07 -19.38
C ALA B 156 -2.82 -5.13 -18.49
N ASP B 157 -2.97 -4.82 -17.20
CA ASP B 157 -1.84 -4.76 -16.29
C ASP B 157 -1.12 -6.09 -16.23
N ALA B 158 -1.87 -7.20 -16.26
CA ALA B 158 -1.30 -8.54 -16.29
C ALA B 158 -0.52 -8.76 -17.57
N ILE B 159 -1.09 -8.34 -18.71
CA ILE B 159 -0.38 -8.35 -19.98
C ILE B 159 0.88 -7.49 -19.86
N GLY B 160 0.70 -6.23 -19.44
CA GLY B 160 1.82 -5.32 -19.39
C GLY B 160 2.89 -5.77 -18.43
N TYR B 161 2.50 -6.37 -17.31
CA TYR B 161 3.52 -6.87 -16.40
C TYR B 161 4.18 -8.11 -16.94
N ALA B 162 3.51 -8.84 -17.83
CA ALA B 162 4.19 -9.96 -18.48
C ALA B 162 5.13 -9.47 -19.57
N GLU B 163 4.64 -8.59 -20.45
CA GLU B 163 5.45 -8.11 -21.56
C GLU B 163 6.62 -7.24 -21.08
N ASP B 164 6.35 -6.23 -20.22
CA ASP B 164 7.43 -5.33 -19.80
C ASP B 164 8.20 -5.81 -18.58
N GLY B 165 7.62 -6.63 -17.71
CA GLY B 165 8.37 -7.32 -16.68
C GLY B 165 7.92 -6.99 -15.26
N ILE B 166 8.42 -7.78 -14.34
CA ILE B 166 8.16 -7.63 -12.90
C ILE B 166 9.49 -7.44 -12.18
N PRO B 167 9.45 -6.86 -10.99
CA PRO B 167 10.58 -7.00 -10.06
C PRO B 167 10.50 -8.40 -9.48
N VAL B 168 11.54 -9.18 -9.69
CA VAL B 168 11.53 -10.54 -9.15
C VAL B 168 11.34 -10.41 -7.64
N THR B 169 10.27 -11.01 -7.13
CA THR B 169 10.13 -11.13 -5.69
C THR B 169 11.22 -12.05 -5.15
N ALA B 170 11.43 -11.95 -3.82
CA ALA B 170 12.37 -12.86 -3.18
C ALA B 170 11.81 -14.28 -3.11
N SER B 171 10.49 -14.43 -2.94
CA SER B 171 9.98 -15.79 -2.82
C SER B 171 10.03 -16.51 -4.18
N GLN B 172 9.89 -15.78 -5.28
CA GLN B 172 10.12 -16.39 -6.59
C GLN B 172 11.58 -16.82 -6.77
N ALA B 173 12.53 -15.98 -6.33
CA ALA B 173 13.93 -16.37 -6.42
C ALA B 173 14.21 -17.61 -5.59
N HIS B 174 13.71 -17.64 -4.35
CA HIS B 174 13.97 -18.78 -3.48
C HIS B 174 13.31 -20.05 -4.02
N ALA B 175 12.01 -20.00 -4.32
CA ALA B 175 11.33 -21.17 -4.87
C ALA B 175 12.03 -21.70 -6.10
N THR B 176 12.41 -20.82 -7.02
CA THR B 176 13.11 -21.23 -8.23
C THR B 176 14.45 -21.87 -7.92
N ALA B 177 15.24 -21.25 -7.05
CA ALA B 177 16.53 -21.83 -6.68
C ALA B 177 16.37 -23.15 -5.94
N SER B 178 15.47 -23.20 -4.94
CA SER B 178 15.38 -24.36 -4.06
C SER B 178 14.68 -25.55 -4.71
N LYS B 179 14.14 -25.39 -5.91
CA LYS B 179 13.59 -26.49 -6.68
C LYS B 179 14.30 -26.63 -8.02
N LEU B 180 15.40 -25.87 -8.20
CA LEU B 180 16.07 -25.74 -9.50
C LEU B 180 16.63 -27.09 -9.98
N GLU B 181 17.31 -27.80 -9.09
CA GLU B 181 17.94 -29.07 -9.42
C GLU B 181 16.94 -30.22 -9.58
N GLU B 182 15.66 -29.90 -9.75
CA GLU B 182 14.62 -30.94 -9.83
C GLU B 182 13.66 -30.68 -10.98
N LEU B 183 13.28 -29.43 -11.15
CA LEU B 183 12.45 -28.99 -12.25
C LEU B 183 13.28 -28.57 -13.46
N ARG B 184 14.62 -28.62 -13.35
CA ARG B 184 15.47 -28.02 -14.38
C ARG B 184 15.15 -28.56 -15.75
N HIS B 185 14.85 -29.85 -15.85
CA HIS B 185 14.78 -30.50 -17.14
C HIS B 185 13.37 -30.62 -17.68
N GLN B 186 12.37 -30.22 -16.89
CA GLN B 186 10.98 -30.34 -17.30
C GLN B 186 10.72 -29.42 -18.49
N PRO B 187 9.79 -29.80 -19.37
CA PRO B 187 9.56 -29.01 -20.60
C PRO B 187 9.22 -27.56 -20.31
N GLY B 188 10.01 -26.67 -20.89
CA GLY B 188 9.73 -25.25 -20.73
C GLY B 188 10.28 -24.62 -19.47
N PHE B 189 10.75 -25.42 -18.52
CA PHE B 189 11.12 -24.85 -17.23
C PHE B 189 12.21 -23.81 -17.38
N SER B 190 13.38 -24.21 -17.91
CA SER B 190 14.54 -23.32 -18.01
C SER B 190 14.22 -22.11 -18.89
N GLU B 191 13.61 -22.36 -20.04
CA GLU B 191 13.33 -21.28 -20.99
C GLU B 191 12.49 -20.18 -20.38
N THR B 192 11.70 -20.49 -19.36
CA THR B 192 10.69 -19.56 -18.87
C THR B 192 10.96 -19.04 -17.46
N TRP B 193 11.53 -19.85 -16.55
CA TRP B 193 11.77 -19.45 -15.18
C TRP B 193 13.25 -19.19 -14.88
N LEU B 194 14.16 -19.57 -15.79
CA LEU B 194 15.59 -19.38 -15.59
C LEU B 194 16.10 -18.14 -16.31
N VAL B 195 17.24 -17.65 -15.85
CA VAL B 195 17.93 -16.55 -16.48
C VAL B 195 19.40 -16.93 -16.58
N ALA B 196 19.92 -17.00 -17.82
CA ALA B 196 21.24 -17.55 -18.08
C ALA B 196 21.43 -18.93 -17.43
N GLY B 197 20.32 -19.63 -17.20
CA GLY B 197 20.32 -20.96 -16.64
C GLY B 197 20.36 -21.07 -15.12
N GLU B 198 20.24 -19.96 -14.39
CA GLU B 198 20.09 -20.07 -12.93
C GLU B 198 18.79 -19.39 -12.45
N ALA B 199 18.53 -19.51 -11.14
CA ALA B 199 17.41 -18.80 -10.53
C ALA B 199 17.64 -17.29 -10.58
N PRO B 200 16.62 -16.51 -10.92
CA PRO B 200 16.83 -15.06 -11.11
C PRO B 200 17.11 -14.30 -9.81
N ARG B 201 17.86 -13.21 -9.97
CA ARG B 201 18.28 -12.40 -8.82
C ARG B 201 17.12 -11.55 -8.30
N PRO B 202 16.84 -11.56 -6.98
CA PRO B 202 15.84 -10.65 -6.40
C PRO B 202 16.13 -9.19 -6.77
N GLY B 203 15.07 -8.46 -7.08
CA GLY B 203 15.22 -7.06 -7.49
C GLY B 203 15.50 -6.79 -8.95
N SER B 204 15.66 -7.83 -9.78
CA SER B 204 15.89 -7.66 -11.20
C SER B 204 14.57 -7.66 -11.98
N ARG B 205 14.65 -7.14 -13.20
CA ARG B 205 13.53 -7.11 -14.13
C ARG B 205 13.42 -8.46 -14.85
N PHE B 206 12.23 -9.07 -14.79
CA PHE B 206 11.97 -10.43 -15.28
C PHE B 206 10.76 -10.40 -16.20
N ARG B 207 10.95 -10.81 -17.44
CA ARG B 207 9.91 -10.77 -18.46
C ARG B 207 9.31 -12.15 -18.67
N GLN B 208 8.11 -12.19 -19.26
CA GLN B 208 7.38 -13.43 -19.56
C GLN B 208 6.68 -13.28 -20.92
N PRO B 209 7.43 -13.37 -22.01
CA PRO B 209 6.85 -13.05 -23.33
C PRO B 209 5.85 -14.06 -23.82
N ALA B 210 6.02 -15.34 -23.46
CA ALA B 210 5.04 -16.35 -23.85
C ALA B 210 3.71 -16.11 -23.14
N LEU B 211 3.75 -15.93 -21.81
CA LEU B 211 2.53 -15.62 -21.07
C LEU B 211 1.89 -14.32 -21.54
N ALA B 212 2.68 -13.37 -22.04
CA ALA B 212 2.08 -12.13 -22.49
C ALA B 212 1.21 -12.36 -23.73
N GLY B 213 1.73 -13.09 -24.72
CA GLY B 213 0.89 -13.47 -25.85
C GLY B 213 -0.34 -14.30 -25.44
N THR B 214 -0.18 -15.19 -24.46
CA THR B 214 -1.32 -15.95 -23.96
C THR B 214 -2.41 -15.03 -23.42
N LEU B 215 -2.04 -14.10 -22.53
CA LEU B 215 -2.99 -13.14 -21.99
C LEU B 215 -3.54 -12.26 -23.10
N ARG B 216 -2.70 -11.91 -24.09
CA ARG B 216 -3.18 -11.15 -25.24
C ARG B 216 -4.19 -11.96 -26.03
N MET B 217 -3.99 -13.28 -26.12
CA MET B 217 -5.01 -14.14 -26.73
C MET B 217 -6.31 -14.11 -25.93
N LEU B 218 -6.23 -14.18 -24.60
CA LEU B 218 -7.43 -14.13 -23.79
C LEU B 218 -8.19 -12.83 -24.01
N ALA B 219 -7.48 -11.72 -24.22
CA ALA B 219 -8.14 -10.42 -24.33
C ALA B 219 -8.87 -10.26 -25.66
N SER B 220 -8.26 -10.76 -26.76
CA SER B 220 -8.88 -10.58 -28.08
C SER B 220 -9.98 -11.61 -28.32
N ASP B 221 -9.71 -12.87 -28.00
CA ASP B 221 -10.67 -13.96 -28.19
C ASP B 221 -11.72 -14.04 -27.08
N GLY B 222 -11.42 -13.54 -25.90
CA GLY B 222 -12.27 -13.71 -24.74
C GLY B 222 -11.73 -14.75 -23.80
N LEU B 223 -11.99 -14.57 -22.51
CA LEU B 223 -11.43 -15.46 -21.50
C LEU B 223 -11.79 -16.92 -21.78
N ASP B 224 -13.01 -17.19 -22.27
CA ASP B 224 -13.43 -18.58 -22.49
C ASP B 224 -12.65 -19.26 -23.64
N SER B 225 -11.95 -18.50 -24.50
CA SER B 225 -11.17 -19.15 -25.56
C SER B 225 -10.12 -20.09 -24.99
N PHE B 226 -9.82 -19.94 -23.70
CA PHE B 226 -8.93 -20.85 -23.00
C PHE B 226 -9.43 -22.30 -23.06
N TYR B 227 -10.75 -22.51 -23.07
CA TYR B 227 -11.28 -23.86 -23.13
C TYR B 227 -11.96 -24.20 -24.46
N ARG B 228 -12.34 -23.18 -25.24
CA ARG B 228 -13.16 -23.39 -26.42
C ARG B 228 -12.77 -22.48 -27.58
N GLY B 229 -11.57 -21.90 -27.54
CA GLY B 229 -11.13 -21.05 -28.61
C GLY B 229 -9.72 -21.40 -29.02
N PRO B 230 -9.07 -20.51 -29.77
CA PRO B 230 -7.72 -20.83 -30.27
C PRO B 230 -6.74 -21.24 -29.19
N LEU B 231 -6.77 -20.60 -28.02
CA LEU B 231 -5.83 -20.97 -26.96
C LEU B 231 -6.02 -22.43 -26.54
N ALA B 232 -7.26 -22.95 -26.59
CA ALA B 232 -7.47 -24.37 -26.30
C ALA B 232 -6.83 -25.24 -27.35
N GLU B 233 -6.81 -24.77 -28.60
CA GLU B 233 -6.15 -25.55 -29.64
C GLU B 233 -4.66 -25.61 -29.37
N ARG B 234 -4.04 -24.49 -29.00
CA ARG B 234 -2.62 -24.50 -28.63
C ARG B 234 -2.37 -25.27 -27.33
N LEU B 235 -3.31 -25.25 -26.37
CA LEU B 235 -3.13 -26.07 -25.18
C LEU B 235 -3.29 -27.55 -25.47
N ALA B 236 -4.13 -27.92 -26.44
CA ALA B 236 -4.34 -29.32 -26.75
C ALA B 236 -3.08 -29.93 -27.38
N GLN B 237 -2.54 -29.26 -28.42
CA GLN B 237 -1.32 -29.71 -29.08
C GLN B 237 -0.19 -29.88 -28.07
N GLY B 238 0.06 -28.86 -27.26
CA GLY B 238 1.10 -28.96 -26.26
C GLY B 238 0.90 -30.13 -25.32
N MET B 239 -0.34 -30.35 -24.87
CA MET B 239 -0.60 -31.51 -24.04
C MET B 239 -0.28 -32.80 -24.80
N ALA B 240 -0.62 -32.84 -26.09
CA ALA B 240 -0.25 -33.97 -26.91
C ALA B 240 1.26 -34.04 -27.05
N ALA B 241 1.86 -32.95 -27.53
CA ALA B 241 3.30 -32.89 -27.75
C ALA B 241 4.07 -33.26 -26.48
N LEU B 242 3.51 -32.97 -25.31
CA LEU B 242 4.20 -33.28 -24.05
C LEU B 242 3.89 -34.67 -23.55
N GLY B 243 2.81 -35.27 -23.99
CA GLY B 243 2.35 -36.48 -23.33
C GLY B 243 1.47 -36.23 -22.13
N MET B 244 0.70 -35.22 -22.16
CA MET B 244 -0.11 -34.95 -21.00
C MET B 244 -1.46 -35.66 -21.08
N PRO B 245 -1.92 -36.24 -19.98
CA PRO B 245 -3.13 -37.05 -20.01
C PRO B 245 -4.40 -36.23 -20.07
N ILE B 246 -4.39 -35.11 -20.78
CA ILE B 246 -5.53 -34.22 -20.90
C ILE B 246 -5.68 -33.89 -22.37
N THR B 247 -6.93 -33.86 -22.84
CA THR B 247 -7.22 -33.70 -24.25
C THR B 247 -8.00 -32.43 -24.50
N LEU B 248 -8.06 -32.06 -25.77
CA LEU B 248 -8.93 -30.98 -26.19
C LEU B 248 -10.37 -31.23 -25.76
N GLY B 249 -10.79 -32.50 -25.70
CA GLY B 249 -12.12 -32.80 -25.18
C GLY B 249 -12.28 -32.36 -23.74
N ASP B 250 -11.22 -32.57 -22.94
CA ASP B 250 -11.25 -32.20 -21.53
C ASP B 250 -11.42 -30.70 -21.32
N LEU B 251 -10.74 -29.89 -22.14
CA LEU B 251 -10.87 -28.44 -22.01
C LEU B 251 -12.27 -27.98 -22.38
N GLN B 252 -12.70 -28.28 -23.60
CA GLN B 252 -14.02 -27.85 -24.07
C GLN B 252 -15.14 -28.29 -23.13
N ALA B 253 -14.97 -29.43 -22.43
CA ALA B 253 -15.98 -29.94 -21.51
C ALA B 253 -16.05 -29.19 -20.19
N HIS B 254 -15.27 -28.13 -19.99
CA HIS B 254 -15.03 -27.66 -18.63
C HIS B 254 -15.79 -26.37 -18.34
N ARG B 255 -16.60 -26.41 -17.29
CA ARG B 255 -17.32 -25.24 -16.82
C ARG B 255 -17.11 -25.11 -15.31
N ALA B 256 -17.06 -23.86 -14.85
CA ALA B 256 -17.04 -23.60 -13.41
C ALA B 256 -18.33 -24.11 -12.75
N ARG B 257 -18.19 -24.69 -11.56
CA ARG B 257 -19.32 -25.05 -10.72
C ARG B 257 -19.74 -23.86 -9.84
N ARG B 258 -20.98 -23.92 -9.34
CA ARG B 258 -21.53 -22.92 -8.41
C ARG B 258 -22.20 -23.67 -7.27
N PRO B 259 -21.43 -24.28 -6.39
CA PRO B 259 -22.03 -25.00 -5.25
C PRO B 259 -22.60 -24.01 -4.22
N GLY B 260 -23.36 -24.59 -3.28
CA GLY B 260 -23.88 -23.81 -2.17
C GLY B 260 -22.85 -23.81 -1.06
N PRO B 261 -22.56 -22.62 -0.53
CA PRO B 261 -21.56 -22.53 0.54
C PRO B 261 -22.04 -23.23 1.79
N LEU B 262 -21.10 -23.82 2.51
CA LEU B 262 -21.40 -24.31 3.85
C LEU B 262 -21.71 -23.12 4.76
N THR B 263 -22.90 -23.11 5.34
CA THR B 263 -23.44 -21.97 6.08
C THR B 263 -23.45 -22.29 7.57
N LEU B 264 -22.85 -21.39 8.38
CA LEU B 264 -22.83 -21.51 9.83
C LEU B 264 -23.51 -20.31 10.47
N GLN B 265 -24.60 -20.56 11.22
CA GLN B 265 -25.23 -19.53 12.03
C GLN B 265 -24.59 -19.55 13.41
N HIS B 266 -24.20 -18.37 13.88
CA HIS B 266 -23.63 -18.17 15.19
C HIS B 266 -24.36 -17.00 15.86
N GLN B 267 -23.96 -16.66 17.10
CA GLN B 267 -24.69 -15.64 17.84
C GLN B 267 -24.63 -14.28 17.16
N GLN B 268 -23.49 -13.90 16.58
CA GLN B 268 -23.37 -12.57 15.98
C GLN B 268 -23.73 -12.52 14.49
N GLY B 269 -23.99 -13.65 13.84
CA GLY B 269 -24.47 -13.60 12.47
C GLY B 269 -24.15 -14.87 11.70
N THR B 270 -23.88 -14.71 10.41
CA THR B 270 -23.71 -15.82 9.49
C THR B 270 -22.30 -15.84 8.92
N LEU B 271 -21.75 -17.05 8.72
CA LEU B 271 -20.39 -17.19 8.22
C LEU B 271 -20.31 -18.34 7.21
N TRP B 272 -19.61 -18.11 6.10
CA TRP B 272 -19.57 -19.05 4.99
C TRP B 272 -18.16 -19.51 4.63
N ASN B 273 -18.07 -20.77 4.20
CA ASN B 273 -16.88 -21.38 3.65
C ASN B 273 -17.25 -22.11 2.35
N LEU B 274 -16.38 -22.06 1.34
CA LEU B 274 -16.51 -23.00 0.23
C LEU B 274 -15.72 -24.24 0.63
N ALA B 275 -16.42 -25.32 0.91
CA ALA B 275 -15.79 -26.58 1.29
C ALA B 275 -16.84 -27.68 1.25
N PRO B 276 -16.48 -28.89 0.86
CA PRO B 276 -17.46 -29.98 0.82
C PRO B 276 -17.84 -30.41 2.22
N PRO B 277 -19.10 -30.77 2.44
CA PRO B 277 -19.60 -31.02 3.82
C PRO B 277 -18.78 -32.02 4.63
N THR B 278 -18.08 -32.96 3.99
CA THR B 278 -17.22 -33.89 4.72
C THR B 278 -15.98 -33.19 5.24
N GLN B 279 -15.43 -32.27 4.45
CA GLN B 279 -14.16 -31.61 4.75
C GLN B 279 -14.33 -30.37 5.61
N GLY B 280 -15.48 -29.72 5.54
CA GLY B 280 -15.65 -28.42 6.16
C GLY B 280 -16.48 -28.44 7.41
N LEU B 281 -17.16 -29.57 7.67
CA LEU B 281 -17.89 -29.73 8.92
C LEU B 281 -16.99 -29.45 10.11
N VAL B 282 -15.77 -30.00 10.09
CA VAL B 282 -14.84 -29.82 11.20
C VAL B 282 -14.47 -28.35 11.36
N SER B 283 -14.23 -27.64 10.25
CA SER B 283 -13.76 -26.26 10.32
C SER B 283 -14.83 -25.33 10.89
N LEU B 284 -16.06 -25.44 10.39
CA LEU B 284 -17.12 -24.53 10.82
C LEU B 284 -17.50 -24.71 12.29
N ALA B 285 -17.38 -25.91 12.83
CA ALA B 285 -17.66 -26.12 14.26
C ALA B 285 -16.71 -25.30 15.15
N THR B 290 -17.96 -23.36 19.93
CA THR B 290 -17.25 -22.36 20.74
C THR B 290 -18.13 -21.14 20.97
N ASP B 291 -18.70 -20.60 19.89
CA ASP B 291 -19.67 -19.51 20.01
C ASP B 291 -20.88 -19.96 20.83
N LYS B 294 -18.98 -18.47 26.05
CA LYS B 294 -18.67 -17.25 26.79
C LYS B 294 -17.17 -16.97 26.69
N MET B 295 -16.78 -16.24 25.64
CA MET B 295 -15.39 -16.08 25.27
C MET B 295 -14.93 -14.62 25.23
N ALA B 296 -15.73 -13.68 25.75
CA ALA B 296 -15.49 -12.26 25.50
C ALA B 296 -14.13 -11.81 26.02
N ASP B 297 -13.94 -11.88 27.34
CA ASP B 297 -12.68 -11.49 27.99
C ASP B 297 -12.06 -12.75 28.60
N ALA B 298 -11.34 -13.51 27.77
CA ALA B 298 -10.76 -14.79 28.17
C ALA B 298 -9.24 -14.69 28.29
N ASP B 299 -8.66 -15.78 28.79
CA ASP B 299 -7.33 -15.78 29.38
C ASP B 299 -6.21 -15.70 28.35
N ASP B 300 -6.49 -15.91 27.07
CA ASP B 300 -5.47 -16.03 26.02
C ASP B 300 -4.63 -17.27 26.28
N ALA B 301 -5.02 -18.04 27.29
CA ALA B 301 -4.56 -19.40 27.50
C ALA B 301 -5.74 -20.34 27.60
N GLN B 302 -6.77 -19.94 28.37
CA GLN B 302 -8.09 -20.55 28.25
C GLN B 302 -8.63 -20.38 26.84
N THR B 303 -8.12 -19.41 26.08
CA THR B 303 -8.55 -19.20 24.71
C THR B 303 -8.02 -20.31 23.81
N VAL B 304 -6.69 -20.41 23.68
CA VAL B 304 -6.11 -21.47 22.87
C VAL B 304 -6.63 -22.83 23.34
N HIS B 305 -6.76 -23.01 24.65
CA HIS B 305 -7.19 -24.29 25.19
C HIS B 305 -8.63 -24.61 24.81
N ARG B 306 -9.56 -23.69 25.10
CA ARG B 306 -10.96 -23.92 24.74
C ARG B 306 -11.10 -24.32 23.28
N ILE B 307 -10.37 -23.62 22.40
CA ILE B 307 -10.50 -23.90 20.97
C ILE B 307 -9.94 -25.27 20.65
N VAL B 308 -8.87 -25.68 21.32
CA VAL B 308 -8.29 -27.00 21.08
C VAL B 308 -9.30 -28.08 21.47
N GLU B 309 -9.84 -27.99 22.68
CA GLU B 309 -10.85 -28.95 23.13
C GLU B 309 -12.13 -28.87 22.32
N ALA B 310 -12.39 -27.71 21.70
CA ALA B 310 -13.44 -27.66 20.70
C ALA B 310 -13.05 -28.46 19.47
N THR B 311 -11.81 -28.26 18.99
CA THR B 311 -11.34 -28.99 17.82
C THR B 311 -11.29 -30.48 18.11
N LYS B 312 -10.68 -30.86 19.24
CA LYS B 312 -10.75 -32.25 19.69
C LYS B 312 -12.19 -32.74 19.63
N ARG B 313 -13.08 -32.13 20.43
CA ARG B 313 -14.47 -32.58 20.47
C ARG B 313 -15.16 -32.47 19.11
N ALA B 314 -14.60 -31.74 18.15
CA ALA B 314 -15.18 -31.65 16.81
C ALA B 314 -14.62 -32.69 15.85
N PHE B 315 -14.32 -33.88 16.33
CA PHE B 315 -13.96 -34.99 15.45
C PHE B 315 -14.82 -36.19 15.85
N ARG B 318 -18.11 -35.74 14.78
CA ARG B 318 -17.63 -35.41 13.45
C ARG B 318 -16.96 -36.58 12.75
N ASP B 319 -15.99 -37.21 13.41
CA ASP B 319 -15.56 -38.55 13.00
C ASP B 319 -16.66 -39.58 13.22
N ALA B 320 -17.76 -39.18 13.86
CA ALA B 320 -19.02 -39.92 13.87
C ALA B 320 -19.81 -39.61 12.59
N HIS B 321 -20.99 -40.21 12.47
CA HIS B 321 -21.72 -40.28 11.18
C HIS B 321 -20.81 -40.79 10.06
N GLN B 333 -27.32 -27.01 8.04
CA GLN B 333 -27.44 -28.45 8.19
C GLN B 333 -27.66 -28.84 9.65
N GLN B 334 -28.51 -29.85 9.86
CA GLN B 334 -28.85 -30.38 11.18
C GLN B 334 -27.62 -30.50 12.09
N LEU B 335 -26.46 -30.81 11.52
CA LEU B 335 -25.23 -30.83 12.30
C LEU B 335 -24.89 -29.43 12.82
N THR B 337 -25.57 -26.18 13.82
CA THR B 337 -26.56 -25.42 14.59
C THR B 337 -26.32 -25.50 16.10
N PRO B 338 -26.91 -24.57 16.86
CA PRO B 338 -26.92 -24.71 18.32
C PRO B 338 -27.63 -25.99 18.76
N GLU B 339 -27.69 -26.25 20.06
CA GLU B 339 -28.26 -27.49 20.60
C GLU B 339 -27.45 -28.70 20.12
N ALA B 340 -27.58 -29.06 18.83
CA ALA B 340 -26.77 -30.12 18.26
C ALA B 340 -25.27 -29.92 18.44
N LEU B 341 -24.84 -28.73 18.88
CA LEU B 341 -23.44 -28.45 19.16
C LEU B 341 -23.16 -28.33 20.66
N GLN B 342 -23.84 -29.11 21.48
CA GLN B 342 -23.74 -28.96 22.93
C GLN B 342 -23.86 -30.29 23.68
N ASP B 346 -19.69 -28.31 24.70
CA ASP B 346 -20.10 -28.22 26.11
C ASP B 346 -19.14 -29.00 27.02
N SER B 347 -18.05 -29.49 26.43
CA SER B 347 -17.07 -30.31 27.14
C SER B 347 -16.28 -29.46 28.13
N THR C 1 4.10 18.08 10.24
CA THR C 1 4.96 18.13 9.08
C THR C 1 4.87 16.82 8.29
N VAL C 2 4.53 16.91 7.01
CA VAL C 2 4.41 15.74 6.13
C VAL C 2 5.53 15.78 5.11
N TRP C 3 6.15 14.62 4.86
CA TRP C 3 7.03 14.43 3.70
C TRP C 3 6.36 13.49 2.71
N MET C 4 6.55 13.77 1.44
CA MET C 4 5.97 12.95 0.39
C MET C 4 6.96 12.87 -0.76
N GLY C 5 7.00 11.71 -1.41
CA GLY C 5 7.80 11.54 -2.61
C GLY C 5 6.91 11.04 -3.73
N VAL C 6 7.22 11.45 -4.94
CA VAL C 6 6.63 10.84 -6.12
C VAL C 6 7.68 10.76 -7.24
N VAL C 7 7.71 9.63 -7.95
CA VAL C 7 8.47 9.44 -9.20
C VAL C 7 7.51 8.90 -10.25
N ASP C 8 7.51 9.47 -11.47
CA ASP C 8 6.59 8.99 -12.51
C ASP C 8 7.33 8.11 -13.52
N ASN C 9 6.60 7.68 -14.57
CA ASN C 9 7.13 6.68 -15.49
C ASN C 9 8.33 7.20 -16.30
N SER C 10 8.39 8.51 -16.57
CA SER C 10 9.52 9.08 -17.29
C SER C 10 10.73 9.32 -16.40
N GLY C 11 10.62 9.09 -15.10
CA GLY C 11 11.71 9.33 -14.18
C GLY C 11 11.77 10.69 -13.51
N LEU C 12 10.79 11.57 -13.76
CA LEU C 12 10.59 12.77 -12.94
C LEU C 12 10.33 12.39 -11.48
N ALA C 13 11.14 12.95 -10.58
CA ALA C 13 11.13 12.64 -9.16
C ALA C 13 10.85 13.91 -8.35
N VAL C 14 9.93 13.82 -7.40
CA VAL C 14 9.49 14.95 -6.59
C VAL C 14 9.63 14.60 -5.11
N SER C 15 10.25 15.50 -4.34
CA SER C 15 10.31 15.38 -2.89
C SER C 15 9.72 16.64 -2.27
N PHE C 16 8.74 16.49 -1.36
CA PHE C 16 7.85 17.58 -0.93
C PHE C 16 7.65 17.61 0.59
N ILE C 17 7.68 18.82 1.16
CA ILE C 17 7.36 19.06 2.59
C ILE C 17 6.25 20.10 2.67
N GLN C 18 5.29 19.86 3.56
CA GLN C 18 4.13 20.70 3.77
C GLN C 18 3.87 20.72 5.27
N SER C 19 3.51 21.89 5.83
CA SER C 19 3.52 21.98 7.29
C SER C 19 2.78 23.21 7.79
N ILE C 20 2.30 23.10 9.03
CA ILE C 20 1.90 24.24 9.83
C ILE C 20 2.74 24.35 11.11
N TYR C 21 3.87 23.65 11.16
CA TYR C 21 4.96 23.92 12.11
C TYR C 21 4.66 23.44 13.53
N HIS C 22 3.41 23.52 13.92
CA HIS C 22 2.99 23.07 15.24
C HIS C 22 1.59 22.51 15.08
N GLU C 23 1.20 21.64 16.01
CA GLU C 23 -0.10 20.99 15.86
C GLU C 23 -1.25 21.99 15.91
N PHE C 24 -2.07 21.97 14.85
CA PHE C 24 -3.21 22.84 14.63
C PHE C 24 -2.83 24.30 14.46
N GLY C 25 -1.55 24.55 14.19
CA GLY C 25 -1.05 25.89 13.97
C GLY C 25 -1.43 26.86 15.09
N SER C 26 -2.22 27.86 14.77
CA SER C 26 -2.57 28.89 15.74
C SER C 26 -3.86 28.57 16.48
N GLY C 27 -4.46 27.43 16.21
CA GLY C 27 -5.81 27.17 16.68
C GLY C 27 -6.85 27.89 15.86
N VAL C 28 -6.42 28.97 15.22
CA VAL C 28 -7.35 29.89 14.57
C VAL C 28 -7.76 29.32 13.22
N VAL C 29 -9.04 29.16 13.03
CA VAL C 29 -9.61 28.77 11.75
C VAL C 29 -10.18 30.01 11.11
N LEU C 30 -10.07 30.12 9.81
CA LEU C 30 -10.57 31.28 9.08
C LEU C 30 -12.03 31.06 8.68
N PRO C 31 -12.92 31.97 9.06
CA PRO C 31 -14.37 31.71 8.95
C PRO C 31 -14.79 31.17 7.59
N ASP C 32 -15.59 30.10 7.63
CA ASP C 32 -16.21 29.52 6.45
C ASP C 32 -15.19 29.05 5.41
N THR C 33 -13.97 28.74 5.84
CA THR C 33 -12.98 28.13 4.96
C THR C 33 -12.50 26.76 5.40
N GLY C 34 -12.57 26.44 6.69
CA GLY C 34 -12.00 25.22 7.22
C GLY C 34 -10.48 25.22 7.29
N ILE C 35 -9.85 26.36 7.08
CA ILE C 35 -8.38 26.45 7.03
C ILE C 35 -7.90 26.87 8.42
N VAL C 36 -7.22 25.97 9.12
CA VAL C 36 -6.46 26.36 10.30
C VAL C 36 -5.16 26.98 9.81
N TRP C 37 -4.78 28.12 10.39
CA TRP C 37 -3.66 28.90 9.88
C TRP C 37 -2.39 28.71 10.71
N GLN C 38 -1.26 28.59 10.02
CA GLN C 38 0.01 28.29 10.65
C GLN C 38 0.44 29.40 11.61
N ASN C 39 1.40 29.10 12.48
CA ASN C 39 1.80 29.97 13.59
C ASN C 39 3.31 30.01 13.69
N ARG C 40 3.93 30.91 12.92
CA ARG C 40 5.38 30.98 12.78
C ARG C 40 6.03 32.11 13.57
N GLY C 41 5.39 32.55 14.66
CA GLY C 41 6.00 33.60 15.47
C GLY C 41 7.43 33.32 15.86
N ALA C 42 7.84 32.05 15.87
CA ALA C 42 9.19 31.67 16.26
C ALA C 42 10.22 31.96 15.16
N ALA C 43 9.80 32.23 13.93
CA ALA C 43 10.77 32.54 12.91
C ALA C 43 11.25 33.97 12.99
N PHE C 44 10.72 34.74 13.95
CA PHE C 44 11.10 36.12 14.20
C PHE C 44 11.44 36.30 15.67
N SER C 45 12.10 37.40 15.97
CA SER C 45 12.41 37.85 17.33
C SER C 45 11.87 39.26 17.56
N LEU C 46 12.05 39.74 18.79
CA LEU C 46 11.86 41.15 19.15
C LEU C 46 13.19 41.67 19.70
N ASP C 47 13.77 42.66 19.01
CA ASP C 47 15.16 43.15 19.20
C ASP C 47 15.87 42.69 20.46
N PRO C 56 7.66 42.91 9.04
CA PRO C 56 6.44 43.25 8.25
C PRO C 56 6.70 43.09 6.75
N GLY C 57 5.93 42.23 6.07
CA GLY C 57 6.32 41.74 4.76
C GLY C 57 7.61 40.94 4.75
N LYS C 58 8.22 40.74 5.92
CA LYS C 58 9.50 40.04 6.03
C LYS C 58 9.30 38.53 5.93
N GLN C 59 10.16 37.88 5.14
CA GLN C 59 9.99 36.44 5.01
C GLN C 59 10.73 35.72 6.14
N PRO C 60 10.27 34.54 6.52
CA PRO C 60 11.02 33.70 7.47
C PRO C 60 12.27 33.11 6.84
N PHE C 61 13.08 32.48 7.69
CA PHE C 61 14.37 31.89 7.35
C PHE C 61 14.33 30.38 7.65
N HIS C 62 13.71 29.62 6.76
CA HIS C 62 13.67 28.16 6.91
C HIS C 62 13.79 27.46 5.54
N LEU C 64 12.43 24.35 6.02
CA LEU C 64 12.33 22.89 6.03
C LEU C 64 13.09 22.28 4.84
N ASN C 65 13.54 21.02 4.98
CA ASN C 65 14.60 20.46 4.14
C ASN C 65 14.10 19.23 3.37
N PRO C 66 13.45 19.42 2.24
CA PRO C 66 13.31 18.31 1.28
C PRO C 66 14.68 17.91 0.77
N ALA C 67 14.85 16.62 0.44
CA ALA C 67 16.13 16.12 -0.03
C ALA C 67 15.95 15.23 -1.26
N ALA C 68 17.01 15.16 -2.06
CA ALA C 68 17.07 14.37 -3.29
C ALA C 68 18.52 14.13 -3.68
N ALA C 69 18.78 13.01 -4.35
CA ALA C 69 20.14 12.68 -4.75
C ALA C 69 20.15 12.01 -6.11
N ARG C 70 21.18 12.30 -6.90
CA ARG C 70 21.51 11.57 -8.13
C ARG C 70 22.83 10.85 -7.93
N LEU C 71 22.89 9.59 -8.31
CA LEU C 71 24.07 8.78 -8.07
C LEU C 71 24.78 8.45 -9.38
N ASN C 72 26.10 8.24 -9.29
CA ASN C 72 26.91 8.01 -10.48
C ASN C 72 26.37 6.83 -11.29
N ASP C 73 26.01 5.72 -10.62
CA ASP C 73 25.50 4.52 -11.30
C ASP C 73 24.12 4.69 -11.94
N GLY C 74 23.48 5.86 -11.84
CA GLY C 74 22.21 6.10 -12.51
C GLY C 74 20.98 6.12 -11.63
N ARG C 75 21.13 5.86 -10.33
CA ARG C 75 19.98 5.95 -9.45
C ARG C 75 19.65 7.41 -9.14
N VAL C 76 18.35 7.73 -9.14
CA VAL C 76 17.82 8.97 -8.58
C VAL C 76 17.08 8.60 -7.31
N MET C 77 16.98 9.54 -6.37
CA MET C 77 16.49 9.16 -5.06
C MET C 77 15.87 10.35 -4.36
N VAL C 78 14.64 10.22 -3.86
CA VAL C 78 14.05 11.27 -3.03
C VAL C 78 13.74 10.73 -1.64
N TYR C 79 14.00 11.54 -0.62
CA TYR C 79 13.79 11.11 0.75
C TYR C 79 13.41 12.32 1.60
N GLY C 80 13.12 12.06 2.87
CA GLY C 80 12.67 13.12 3.76
C GLY C 80 12.35 12.59 5.14
N SER C 81 12.64 13.38 6.16
CA SER C 81 12.44 13.01 7.56
C SER C 81 11.43 13.98 8.17
N MET C 82 10.45 13.47 8.91
CA MET C 82 9.45 14.31 9.59
C MET C 82 9.46 14.04 11.10
N GLY C 83 9.71 15.10 11.90
CA GLY C 83 9.90 14.97 13.32
C GLY C 83 11.36 14.75 13.69
N GLY C 84 11.60 14.62 15.00
CA GLY C 84 12.95 14.44 15.53
C GLY C 84 13.55 15.68 16.16
N GLN C 87 17.39 14.87 13.61
CA GLN C 87 16.92 15.24 12.27
C GLN C 87 18.06 15.36 11.26
N PRO C 88 19.10 16.16 11.54
CA PRO C 88 20.29 16.10 10.68
C PRO C 88 21.07 14.80 10.86
N GLN C 89 20.92 14.11 11.99
CA GLN C 89 21.52 12.79 12.19
C GLN C 89 20.72 11.69 11.49
N THR C 90 19.40 11.86 11.34
CA THR C 90 18.63 10.93 10.53
C THR C 90 19.11 10.93 9.08
N GLN C 91 19.43 12.11 8.53
CA GLN C 91 19.93 12.14 7.16
C GLN C 91 21.32 11.51 7.08
N ALA C 92 22.16 11.73 8.11
CA ALA C 92 23.46 11.08 8.13
C ALA C 92 23.30 9.57 8.09
N ALA C 93 22.43 9.04 8.96
CA ALA C 93 22.19 7.61 9.01
C ALA C 93 21.75 7.06 7.66
N LEU C 94 20.69 7.63 7.09
CA LEU C 94 20.16 7.05 5.86
C LEU C 94 21.17 7.18 4.72
N PHE C 95 21.90 8.28 4.65
CA PHE C 95 22.94 8.45 3.63
C PHE C 95 24.04 7.42 3.82
N THR C 96 24.58 7.34 5.04
CA THR C 96 25.72 6.45 5.26
C THR C 96 25.30 4.99 5.14
N ARG C 97 24.12 4.62 5.64
CA ARG C 97 23.65 3.24 5.52
C ARG C 97 23.36 2.87 4.08
N TYR C 98 22.44 3.60 3.42
CA TYR C 98 22.04 3.20 2.09
C TYR C 98 23.15 3.44 1.07
N ILE C 99 23.60 4.69 0.95
CA ILE C 99 24.55 5.06 -0.09
C ILE C 99 25.94 4.50 0.22
N LEU C 100 26.45 4.75 1.41
CA LEU C 100 27.85 4.39 1.68
C LEU C 100 28.03 2.90 1.93
N GLN C 101 27.04 2.25 2.53
CA GLN C 101 27.25 0.91 3.05
C GLN C 101 26.44 -0.17 2.33
N GLY C 102 25.68 0.18 1.28
CA GLY C 102 24.93 -0.80 0.51
C GLY C 102 23.77 -1.48 1.21
N VAL C 103 23.45 -1.09 2.44
CA VAL C 103 22.29 -1.61 3.17
C VAL C 103 21.02 -1.38 2.35
N PRO C 104 20.12 -2.35 2.23
CA PRO C 104 18.94 -2.16 1.40
C PRO C 104 18.12 -0.97 1.90
N LEU C 105 17.41 -0.33 0.95
CA LEU C 105 16.77 0.96 1.25
C LEU C 105 15.86 0.85 2.46
N GLN C 106 14.95 -0.12 2.46
CA GLN C 106 13.99 -0.26 3.56
C GLN C 106 14.72 -0.54 4.88
N GLU C 107 15.77 -1.35 4.85
CA GLU C 107 16.53 -1.59 6.08
C GLU C 107 17.24 -0.32 6.54
N SER C 108 17.74 0.48 5.60
CA SER C 108 18.46 1.70 5.96
C SER C 108 17.59 2.63 6.79
N ILE C 109 16.29 2.68 6.51
CA ILE C 109 15.37 3.55 7.24
C ILE C 109 14.97 2.93 8.58
N SER C 110 14.99 1.60 8.70
CA SER C 110 14.47 0.91 9.88
C SER C 110 15.49 0.81 11.00
N ARG C 111 16.74 0.43 10.69
CA ARG C 111 17.83 0.30 11.66
C ARG C 111 17.83 1.48 12.63
N PRO C 112 18.02 1.22 13.93
CA PRO C 112 17.82 2.28 14.93
C PRO C 112 18.76 3.45 14.75
N ARG C 113 18.33 4.62 15.25
CA ARG C 113 19.10 5.86 15.07
C ARG C 113 19.49 6.54 16.37
N TRP C 114 19.88 7.82 16.30
CA TRP C 114 20.52 8.45 17.44
C TRP C 114 20.33 9.97 17.39
N LEU C 115 20.14 10.55 18.57
CA LEU C 115 20.15 12.00 18.73
C LEU C 115 21.33 12.43 19.61
N LYS C 128 19.51 9.32 23.41
CA LYS C 128 20.66 9.43 22.52
C LYS C 128 20.75 8.26 21.53
N LEU C 129 20.24 7.08 21.90
CA LEU C 129 20.25 5.91 21.01
C LEU C 129 19.03 5.04 21.25
N GLU C 130 18.61 4.34 20.21
CA GLU C 130 17.41 3.52 20.27
C GLU C 130 17.73 2.14 20.83
N GLY C 131 16.89 1.67 21.75
CA GLY C 131 17.11 0.44 22.47
C GLY C 131 17.44 -0.76 21.61
N ARG C 132 17.20 -0.66 20.30
CA ARG C 132 17.42 -1.77 19.40
C ARG C 132 18.90 -2.01 19.08
N PHE C 133 19.81 -1.30 19.74
CA PHE C 133 21.24 -1.53 19.55
C PHE C 133 21.73 -2.66 20.46
N GLU C 149 20.14 7.23 28.31
CA GLU C 149 20.99 7.29 27.14
C GLU C 149 20.37 6.50 26.04
N VAL C 150 19.69 5.43 26.44
CA VAL C 150 19.21 4.39 25.53
C VAL C 150 17.69 4.39 25.60
N LEU C 151 17.04 4.70 24.48
CA LEU C 151 15.60 4.97 24.50
C LEU C 151 14.84 3.70 24.14
N ALA C 152 13.54 3.82 23.92
CA ALA C 152 12.76 2.66 23.53
C ALA C 152 13.26 2.13 22.19
N ASP C 153 12.89 0.89 21.87
CA ASP C 153 13.36 0.28 20.63
C ASP C 153 12.94 1.08 19.40
N PHE C 154 11.88 1.88 19.50
CA PHE C 154 11.38 2.68 18.38
C PHE C 154 10.87 4.00 18.96
N SER C 155 11.69 5.04 18.88
CA SER C 155 11.37 6.34 19.46
C SER C 155 10.93 7.30 18.38
N GLU C 156 9.83 8.02 18.64
CA GLU C 156 9.36 9.06 17.73
C GLU C 156 10.33 10.22 17.62
N ALA C 157 11.36 10.26 18.46
CA ALA C 157 12.37 11.32 18.44
C ALA C 157 13.50 11.07 17.43
N MET C 158 13.62 9.85 16.91
CA MET C 158 14.52 9.61 15.79
C MET C 158 13.89 9.94 14.43
N GLY C 159 12.59 10.23 14.39
CA GLY C 159 11.96 10.76 13.19
C GLY C 159 11.15 9.73 12.42
N HIS C 160 10.59 10.23 11.32
CA HIS C 160 9.90 9.41 10.32
C HIS C 160 10.50 9.78 8.97
N ALA C 161 11.09 8.80 8.30
CA ALA C 161 11.76 9.05 7.04
C ALA C 161 11.12 8.18 5.96
N GLY C 162 11.05 8.72 4.74
CA GLY C 162 10.57 7.99 3.60
C GLY C 162 11.57 8.14 2.46
N ALA C 163 11.43 7.31 1.44
CA ALA C 163 12.36 7.39 0.32
C ALA C 163 11.80 6.62 -0.87
N ILE C 164 12.17 7.11 -2.06
CA ILE C 164 12.00 6.36 -3.31
C ILE C 164 13.35 6.38 -4.00
N VAL C 165 13.77 5.23 -4.48
CA VAL C 165 14.93 5.14 -5.35
C VAL C 165 14.45 4.66 -6.70
N ARG C 166 14.84 5.38 -7.74
CA ARG C 166 14.68 4.95 -9.12
C ARG C 166 16.02 4.44 -9.64
N HIS C 167 16.04 3.28 -10.10
CA HIS C 167 17.14 2.50 -10.67
C HIS C 167 17.16 2.64 -12.19
N PRO C 168 18.35 2.67 -12.81
CA PRO C 168 18.41 2.79 -14.28
C PRO C 168 17.60 1.73 -15.02
N ASN C 169 17.44 0.50 -14.46
CA ASN C 169 16.50 -0.43 -15.12
C ASN C 169 15.01 0.02 -14.99
N GLY C 170 14.66 1.20 -14.47
CA GLY C 170 13.28 1.63 -14.38
C GLY C 170 12.49 1.07 -13.22
N LEU C 171 13.02 0.08 -12.50
CA LEU C 171 12.35 -0.43 -11.31
C LEU C 171 12.33 0.65 -10.22
N LEU C 172 11.21 0.74 -9.51
CA LEU C 172 10.94 1.79 -8.52
C LEU C 172 10.81 1.19 -7.13
N GLU C 173 11.54 1.75 -6.19
CA GLU C 173 11.59 1.26 -4.82
C GLU C 173 11.10 2.34 -3.86
N GLY C 174 10.04 2.05 -3.11
CA GLY C 174 9.56 2.95 -2.06
C GLY C 174 9.76 2.29 -0.71
N ALA C 175 10.13 3.08 0.29
CA ALA C 175 10.27 2.56 1.64
C ALA C 175 9.59 3.49 2.65
N THR C 176 9.05 2.89 3.71
CA THR C 176 8.29 3.56 4.75
C THR C 176 8.98 3.34 6.08
N ASP C 177 8.75 4.25 7.02
CA ASP C 177 9.37 4.11 8.33
C ASP C 177 8.50 3.24 9.21
N PRO C 178 9.01 2.13 9.74
CA PRO C 178 8.20 1.33 10.65
C PRO C 178 7.73 2.11 11.86
N ARG C 179 8.40 3.23 12.19
CA ARG C 179 8.04 4.06 13.31
C ARG C 179 6.75 4.86 13.11
N SER C 180 6.16 4.81 11.92
CA SER C 180 4.89 5.49 11.66
C SER C 180 4.01 4.57 10.81
N ASN C 181 2.97 5.12 10.22
CA ASN C 181 1.97 4.36 9.47
C ASN C 181 1.93 4.80 8.01
N GLY C 182 3.12 5.06 7.45
CA GLY C 182 3.21 5.43 6.05
C GLY C 182 2.94 4.26 5.10
N ALA C 183 2.73 4.64 3.84
CA ALA C 183 2.33 3.71 2.81
C ALA C 183 3.05 4.07 1.53
N ALA C 184 3.55 3.04 0.85
CA ALA C 184 4.12 3.16 -0.49
C ALA C 184 3.13 2.56 -1.47
N ALA C 185 2.72 3.34 -2.47
CA ALA C 185 1.76 2.88 -3.47
C ALA C 185 2.38 3.06 -4.85
N GLY C 186 2.47 1.96 -5.60
CA GLY C 186 3.11 1.95 -6.90
C GLY C 186 2.43 0.98 -7.85
N TYR C 187 2.61 1.23 -9.14
CA TYR C 187 2.14 0.31 -10.16
C TYR C 187 3.29 0.07 -11.13
N THR D 1 -0.62 -20.76 -3.24
CA THR D 1 -1.95 -20.32 -2.91
C THR D 1 -2.01 -18.88 -2.45
N VAL D 2 -2.83 -18.07 -3.14
CA VAL D 2 -3.09 -16.69 -2.75
C VAL D 2 -4.55 -16.59 -2.31
N TRP D 3 -4.81 -15.78 -1.30
CA TRP D 3 -6.15 -15.26 -1.04
C TRP D 3 -6.13 -13.77 -1.35
N MET D 4 -7.24 -13.28 -1.88
CA MET D 4 -7.40 -11.86 -2.15
C MET D 4 -8.84 -11.46 -1.90
N GLY D 5 -9.02 -10.25 -1.39
CA GLY D 5 -10.33 -9.67 -1.23
C GLY D 5 -10.40 -8.33 -1.92
N VAL D 6 -11.57 -8.00 -2.43
CA VAL D 6 -11.89 -6.64 -2.85
C VAL D 6 -13.30 -6.34 -2.39
N VAL D 7 -13.52 -5.11 -1.93
CA VAL D 7 -14.85 -4.58 -1.66
C VAL D 7 -14.99 -3.25 -2.39
N ASP D 8 -16.08 -3.08 -3.15
CA ASP D 8 -16.34 -1.87 -3.91
C ASP D 8 -17.32 -0.96 -3.17
N ASN D 9 -17.74 0.12 -3.82
CA ASN D 9 -18.52 1.13 -3.12
C ASN D 9 -19.92 0.66 -2.78
N SER D 10 -20.51 -0.22 -3.58
CA SER D 10 -21.86 -0.72 -3.32
C SER D 10 -21.91 -1.79 -2.23
N GLY D 11 -20.75 -2.22 -1.70
CA GLY D 11 -20.73 -3.26 -0.68
C GLY D 11 -20.63 -4.66 -1.24
N LEU D 12 -20.45 -4.81 -2.55
CA LEU D 12 -20.13 -6.10 -3.12
C LEU D 12 -18.83 -6.62 -2.51
N ALA D 13 -18.89 -7.82 -1.95
CA ALA D 13 -17.79 -8.43 -1.21
C ALA D 13 -17.38 -9.71 -1.91
N VAL D 14 -16.06 -9.85 -2.17
CA VAL D 14 -15.49 -10.98 -2.90
C VAL D 14 -14.34 -11.55 -2.09
N SER D 15 -14.33 -12.88 -1.95
CA SER D 15 -13.27 -13.61 -1.27
C SER D 15 -12.75 -14.65 -2.25
N PHE D 16 -11.45 -14.60 -2.57
CA PHE D 16 -10.97 -15.37 -3.72
C PHE D 16 -9.66 -16.08 -3.43
N ILE D 17 -9.62 -17.37 -3.78
CA ILE D 17 -8.39 -18.17 -3.75
C ILE D 17 -8.09 -18.69 -5.15
N GLN D 18 -6.81 -18.65 -5.52
CA GLN D 18 -6.27 -19.08 -6.81
C GLN D 18 -4.95 -19.78 -6.52
N SER D 19 -4.68 -20.90 -7.21
CA SER D 19 -3.53 -21.73 -6.85
C SER D 19 -3.19 -22.72 -7.93
N ILE D 20 -1.94 -23.19 -7.88
CA ILE D 20 -1.47 -24.38 -8.59
C ILE D 20 -1.04 -25.46 -7.61
N TYR D 21 -1.39 -25.32 -6.32
CA TYR D 21 -1.37 -26.35 -5.29
C TYR D 21 0.00 -26.67 -4.70
N HIS D 22 1.06 -26.54 -5.49
CA HIS D 22 2.42 -26.74 -5.01
C HIS D 22 3.31 -25.77 -5.76
N GLU D 23 4.47 -25.45 -5.18
CA GLU D 23 5.37 -24.50 -5.81
C GLU D 23 5.74 -24.97 -7.22
N PHE D 24 5.47 -24.12 -8.20
CA PHE D 24 5.71 -24.37 -9.62
C PHE D 24 4.90 -25.53 -10.17
N GLY D 25 3.86 -25.94 -9.44
CA GLY D 25 2.96 -26.99 -9.89
C GLY D 25 3.71 -28.23 -10.33
N SER D 26 3.60 -28.59 -11.60
CA SER D 26 4.24 -29.78 -12.11
C SER D 26 5.61 -29.51 -12.70
N GLY D 27 6.07 -28.26 -12.68
CA GLY D 27 7.26 -27.88 -13.43
C GLY D 27 7.06 -27.70 -14.91
N VAL D 28 6.03 -28.31 -15.49
CA VAL D 28 5.87 -28.27 -16.94
C VAL D 28 5.23 -26.94 -17.35
N VAL D 29 5.87 -26.25 -18.29
CA VAL D 29 5.27 -25.10 -18.95
C VAL D 29 4.76 -25.57 -20.31
N LEU D 30 3.64 -25.01 -20.73
CA LEU D 30 3.03 -25.48 -21.96
C LEU D 30 3.57 -24.71 -23.16
N PRO D 31 4.07 -25.42 -24.19
CA PRO D 31 4.82 -24.77 -25.27
C PRO D 31 4.22 -23.47 -25.77
N ASP D 32 5.03 -22.43 -25.86
CA ASP D 32 4.64 -21.12 -26.39
C ASP D 32 3.45 -20.51 -25.65
N THR D 33 3.17 -20.90 -24.42
CA THR D 33 2.13 -20.23 -23.66
C THR D 33 2.61 -19.61 -22.36
N GLY D 34 3.73 -20.06 -21.81
CA GLY D 34 4.21 -19.55 -20.54
C GLY D 34 3.42 -19.99 -19.33
N ILE D 35 2.52 -20.93 -19.48
CA ILE D 35 1.65 -21.34 -18.39
C ILE D 35 2.29 -22.54 -17.72
N VAL D 36 2.69 -22.39 -16.46
CA VAL D 36 3.00 -23.57 -15.68
C VAL D 36 1.67 -24.17 -15.21
N TRP D 37 1.53 -25.49 -15.39
CA TRP D 37 0.28 -26.20 -15.16
C TRP D 37 0.35 -26.94 -13.84
N GLN D 38 -0.79 -26.95 -13.13
CA GLN D 38 -0.88 -27.51 -11.79
C GLN D 38 -0.68 -29.03 -11.81
N ASN D 39 -0.48 -29.58 -10.62
CA ASN D 39 -0.13 -30.99 -10.46
C ASN D 39 -0.95 -31.51 -9.30
N ARG D 40 -2.18 -31.95 -9.59
CA ARG D 40 -3.06 -32.36 -8.53
C ARG D 40 -3.13 -33.87 -8.37
N GLY D 41 -2.08 -34.57 -8.81
CA GLY D 41 -2.03 -36.00 -8.61
C GLY D 41 -2.23 -36.41 -7.17
N ALA D 42 -1.92 -35.52 -6.23
CA ALA D 42 -2.02 -35.93 -4.85
C ALA D 42 -3.46 -36.04 -4.35
N ALA D 43 -4.43 -35.52 -5.09
CA ALA D 43 -5.85 -35.56 -4.69
C ALA D 43 -6.54 -36.87 -5.03
N PHE D 44 -5.85 -37.83 -5.64
CA PHE D 44 -6.42 -39.11 -6.02
C PHE D 44 -5.61 -40.25 -5.42
N SER D 45 -6.18 -41.45 -5.51
CA SER D 45 -5.50 -42.66 -5.11
C SER D 45 -5.33 -43.57 -6.32
N LEU D 46 -4.56 -44.62 -6.12
CA LEU D 46 -4.47 -45.71 -7.08
C LEU D 46 -4.93 -47.02 -6.45
N ASP D 47 -5.55 -46.94 -5.26
CA ASP D 47 -6.28 -48.02 -4.63
C ASP D 47 -7.66 -48.05 -5.28
N PRO D 48 -7.91 -49.00 -6.18
CA PRO D 48 -9.20 -49.01 -6.88
C PRO D 48 -10.38 -49.28 -5.97
N GLN D 49 -10.17 -49.82 -4.77
CA GLN D 49 -11.24 -50.04 -3.80
C GLN D 49 -11.46 -48.83 -2.91
N HIS D 50 -11.07 -47.63 -3.36
CA HIS D 50 -11.30 -46.38 -2.64
C HIS D 50 -12.16 -45.46 -3.50
N LEU D 51 -13.05 -44.70 -2.86
CA LEU D 51 -13.97 -43.84 -3.58
C LEU D 51 -13.23 -42.68 -4.26
N LEU D 52 -12.11 -42.23 -3.71
CA LEU D 52 -11.31 -41.15 -4.29
C LEU D 52 -10.29 -41.66 -5.30
N ALA D 53 -10.56 -42.79 -5.96
CA ALA D 53 -9.63 -43.38 -6.90
C ALA D 53 -9.74 -42.72 -8.26
N LEU D 54 -8.61 -42.61 -8.95
CA LEU D 54 -8.56 -41.98 -10.26
C LEU D 54 -9.50 -42.69 -11.23
N ALA D 55 -10.08 -41.91 -12.15
CA ALA D 55 -10.88 -42.37 -13.28
C ALA D 55 -11.06 -41.18 -14.22
N PRO D 56 -11.06 -41.38 -15.54
CA PRO D 56 -11.04 -40.23 -16.45
C PRO D 56 -12.31 -39.39 -16.32
N GLY D 57 -12.10 -38.08 -16.27
CA GLY D 57 -13.16 -37.12 -15.99
C GLY D 57 -13.55 -36.97 -14.55
N LYS D 58 -13.00 -37.79 -13.65
CA LYS D 58 -13.43 -37.76 -12.26
C LYS D 58 -13.03 -36.45 -11.61
N GLN D 59 -13.99 -35.82 -10.98
CA GLN D 59 -13.81 -34.50 -10.38
C GLN D 59 -13.04 -34.62 -9.06
N PRO D 60 -11.97 -33.86 -8.87
CA PRO D 60 -11.28 -33.89 -7.58
C PRO D 60 -12.14 -33.28 -6.47
N PHE D 61 -11.98 -33.81 -5.26
CA PHE D 61 -12.93 -33.64 -4.17
C PHE D 61 -12.51 -32.56 -3.18
N HIS D 62 -11.28 -32.62 -2.69
CA HIS D 62 -10.80 -31.57 -1.80
C HIS D 62 -10.76 -30.25 -2.55
N THR D 63 -10.92 -29.16 -1.82
CA THR D 63 -10.98 -27.86 -2.43
C THR D 63 -10.52 -26.84 -1.40
N LEU D 64 -10.25 -25.64 -1.88
CA LEU D 64 -9.72 -24.57 -1.05
C LEU D 64 -10.88 -23.71 -0.56
N ASN D 65 -10.65 -22.95 0.53
CA ASN D 65 -11.73 -22.33 1.29
C ASN D 65 -11.60 -20.81 1.34
N PRO D 66 -12.12 -20.09 0.35
CA PRO D 66 -12.41 -18.65 0.55
C PRO D 66 -13.47 -18.49 1.62
N ALA D 67 -13.40 -17.37 2.36
CA ALA D 67 -14.34 -17.18 3.48
C ALA D 67 -14.98 -15.79 3.47
N ALA D 68 -16.16 -15.71 4.08
CA ALA D 68 -16.93 -14.48 4.17
C ALA D 68 -17.92 -14.60 5.32
N ALA D 69 -18.24 -13.44 5.92
CA ALA D 69 -19.16 -13.36 7.04
C ALA D 69 -19.99 -12.09 6.96
N ARG D 70 -21.24 -12.19 7.38
CA ARG D 70 -22.13 -11.06 7.65
C ARG D 70 -22.37 -11.02 9.14
N LEU D 71 -22.24 -9.85 9.75
CA LEU D 71 -22.44 -9.78 11.17
C LEU D 71 -23.70 -9.00 11.46
N ASN D 72 -24.36 -9.37 12.56
CA ASN D 72 -25.66 -8.78 12.86
C ASN D 72 -25.62 -7.28 12.82
N ASP D 73 -24.57 -6.67 13.37
CA ASP D 73 -24.50 -5.21 13.40
C ASP D 73 -24.36 -4.56 12.03
N GLY D 74 -24.24 -5.33 10.94
CA GLY D 74 -24.20 -4.77 9.59
C GLY D 74 -22.86 -4.82 8.89
N ARG D 75 -21.82 -5.30 9.55
CA ARG D 75 -20.53 -5.49 8.91
C ARG D 75 -20.56 -6.72 8.00
N VAL D 76 -19.93 -6.61 6.83
CA VAL D 76 -19.55 -7.78 6.03
C VAL D 76 -18.04 -7.92 6.09
N MET D 77 -17.57 -9.14 5.86
CA MET D 77 -16.16 -9.43 6.10
C MET D 77 -15.75 -10.59 5.21
N VAL D 78 -14.65 -10.42 4.47
CA VAL D 78 -14.06 -11.51 3.69
C VAL D 78 -12.66 -11.79 4.24
N TYR D 79 -12.34 -13.08 4.37
CA TYR D 79 -11.03 -13.44 4.91
C TYR D 79 -10.56 -14.76 4.29
N GLY D 80 -9.32 -15.11 4.61
CA GLY D 80 -8.68 -16.25 4.02
C GLY D 80 -7.25 -16.39 4.50
N SER D 81 -6.81 -17.63 4.61
CA SER D 81 -5.50 -18.01 5.08
C SER D 81 -4.75 -18.70 3.95
N MET D 82 -3.47 -18.38 3.77
CA MET D 82 -2.63 -19.07 2.80
C MET D 82 -1.41 -19.64 3.52
N GLY D 83 -1.17 -20.95 3.35
CA GLY D 83 -0.15 -21.66 4.09
C GLY D 83 -0.65 -22.21 5.40
N GLY D 84 0.24 -22.87 6.12
CA GLY D 84 -0.12 -23.52 7.37
C GLY D 84 -0.30 -25.03 7.22
N PRO D 88 -6.83 -24.15 9.34
CA PRO D 88 -8.17 -24.22 9.93
C PRO D 88 -8.19 -23.70 11.36
N GLN D 89 -7.04 -23.79 12.02
CA GLN D 89 -6.83 -23.15 13.32
C GLN D 89 -6.58 -21.67 13.17
N THR D 90 -6.04 -21.24 12.02
CA THR D 90 -5.98 -19.81 11.76
C THR D 90 -7.38 -19.21 11.74
N GLN D 91 -8.35 -19.93 11.14
CA GLN D 91 -9.71 -19.41 11.07
C GLN D 91 -10.38 -19.37 12.44
N ALA D 92 -10.09 -20.37 13.27
CA ALA D 92 -10.63 -20.36 14.62
C ALA D 92 -10.16 -19.11 15.36
N ALA D 93 -8.86 -18.87 15.34
CA ALA D 93 -8.28 -17.74 16.05
C ALA D 93 -8.89 -16.43 15.58
N LEU D 94 -8.81 -16.15 14.29
CA LEU D 94 -9.24 -14.85 13.79
C LEU D 94 -10.71 -14.64 14.05
N PHE D 95 -11.50 -15.70 14.02
CA PHE D 95 -12.92 -15.61 14.32
C PHE D 95 -13.15 -15.16 15.76
N THR D 96 -12.59 -15.91 16.72
CA THR D 96 -12.88 -15.61 18.12
C THR D 96 -12.24 -14.30 18.54
N ARG D 97 -11.00 -14.06 18.12
CA ARG D 97 -10.35 -12.81 18.45
C ARG D 97 -11.13 -11.62 17.92
N TYR D 98 -11.49 -11.65 16.63
CA TYR D 98 -12.16 -10.49 16.05
C TYR D 98 -13.64 -10.48 16.39
N ILE D 99 -14.38 -11.51 15.98
CA ILE D 99 -15.83 -11.47 16.18
C ILE D 99 -16.15 -11.59 17.66
N LEU D 100 -15.65 -12.63 18.31
CA LEU D 100 -16.09 -12.92 19.66
C LEU D 100 -15.51 -11.92 20.67
N GLN D 101 -14.29 -11.44 20.43
CA GLN D 101 -13.54 -10.76 21.50
C GLN D 101 -13.22 -9.28 21.27
N GLY D 102 -13.68 -8.66 20.19
CA GLY D 102 -13.46 -7.23 19.98
C GLY D 102 -12.02 -6.80 19.76
N VAL D 103 -11.06 -7.73 19.69
CA VAL D 103 -9.68 -7.34 19.33
C VAL D 103 -9.71 -6.67 17.96
N PRO D 104 -9.01 -5.55 17.75
CA PRO D 104 -9.09 -4.87 16.45
C PRO D 104 -8.59 -5.77 15.33
N LEU D 105 -9.13 -5.53 14.12
CA LEU D 105 -8.96 -6.47 13.01
C LEU D 105 -7.49 -6.75 12.73
N GLN D 106 -6.68 -5.71 12.57
CA GLN D 106 -5.27 -5.93 12.27
C GLN D 106 -4.59 -6.71 13.40
N GLU D 107 -4.95 -6.42 14.66
CA GLU D 107 -4.40 -7.17 15.79
C GLU D 107 -4.85 -8.63 15.79
N SER D 108 -6.08 -8.91 15.36
CA SER D 108 -6.56 -10.29 15.27
C SER D 108 -5.65 -11.11 14.35
N ILE D 109 -5.18 -10.53 13.25
CA ILE D 109 -4.36 -11.26 12.29
C ILE D 109 -2.91 -11.39 12.77
N SER D 110 -2.45 -10.47 13.61
CA SER D 110 -1.06 -10.44 14.07
C SER D 110 -0.84 -11.31 15.30
N ARG D 111 -1.71 -11.20 16.32
CA ARG D 111 -1.60 -11.97 17.56
C ARG D 111 -1.28 -13.43 17.24
N PRO D 112 -0.27 -14.00 17.90
CA PRO D 112 0.29 -15.28 17.46
C PRO D 112 -0.72 -16.40 17.51
N ARG D 113 -0.48 -17.41 16.68
CA ARG D 113 -1.41 -18.51 16.51
C ARG D 113 -0.69 -19.80 16.90
N TRP D 114 -1.29 -20.94 16.53
CA TRP D 114 -0.86 -22.23 17.05
C TRP D 114 -1.17 -23.39 16.11
N LYS D 128 1.94 -26.89 19.33
CA LYS D 128 2.82 -25.94 18.65
C LYS D 128 2.26 -24.50 18.62
N LEU D 129 2.92 -23.59 19.35
CA LEU D 129 2.54 -22.19 19.48
C LEU D 129 3.70 -21.29 19.07
N GLU D 130 3.38 -20.00 18.91
CA GLU D 130 4.37 -18.99 18.57
C GLU D 130 4.85 -18.27 19.82
N GLY D 131 5.87 -17.42 19.65
CA GLY D 131 6.51 -16.73 20.75
C GLY D 131 5.71 -15.58 21.34
N ARG D 132 4.84 -15.90 22.28
CA ARG D 132 4.13 -14.89 23.08
C ARG D 132 3.34 -15.57 24.20
N VAL D 150 6.55 -25.24 20.54
CA VAL D 150 6.81 -23.83 20.83
C VAL D 150 7.85 -23.24 19.85
N LEU D 151 7.38 -22.47 18.87
CA LEU D 151 8.14 -22.10 17.69
C LEU D 151 8.67 -20.66 17.73
N ALA D 152 9.16 -20.20 16.58
CA ALA D 152 9.67 -18.86 16.39
C ALA D 152 8.55 -17.82 16.57
N ASP D 153 8.96 -16.56 16.74
CA ASP D 153 7.99 -15.50 16.96
C ASP D 153 7.02 -15.34 15.79
N PHE D 154 7.42 -15.75 14.57
CA PHE D 154 6.57 -15.64 13.39
C PHE D 154 6.88 -16.84 12.50
N SER D 155 6.06 -17.88 12.57
CA SER D 155 6.34 -19.11 11.85
C SER D 155 5.50 -19.19 10.57
N GLU D 156 6.16 -19.53 9.46
CA GLU D 156 5.44 -19.67 8.20
C GLU D 156 4.43 -20.82 8.24
N ALA D 157 4.44 -21.61 9.31
CA ALA D 157 3.49 -22.69 9.52
C ALA D 157 2.19 -22.20 10.15
N MET D 158 2.16 -20.96 10.63
CA MET D 158 0.91 -20.39 11.12
C MET D 158 0.09 -19.78 9.99
N GLY D 159 0.67 -19.59 8.83
CA GLY D 159 -0.04 -19.10 7.66
C GLY D 159 0.20 -17.62 7.41
N HIS D 160 -0.43 -17.15 6.34
CA HIS D 160 -0.52 -15.72 6.02
C HIS D 160 -1.98 -15.43 5.72
N ALA D 161 -2.60 -14.55 6.51
CA ALA D 161 -4.04 -14.31 6.42
C ALA D 161 -4.35 -12.86 6.09
N GLY D 162 -5.43 -12.65 5.34
CA GLY D 162 -5.89 -11.33 5.03
C GLY D 162 -7.37 -11.21 5.36
N ALA D 163 -7.85 -9.98 5.42
CA ALA D 163 -9.24 -9.72 5.73
C ALA D 163 -9.57 -8.28 5.36
N ILE D 164 -10.81 -8.07 4.96
CA ILE D 164 -11.38 -6.73 4.82
C ILE D 164 -12.73 -6.76 5.52
N VAL D 165 -13.01 -5.73 6.32
CA VAL D 165 -14.32 -5.49 6.93
C VAL D 165 -14.88 -4.21 6.35
N ARG D 166 -16.12 -4.26 5.87
CA ARG D 166 -16.88 -3.07 5.54
C ARG D 166 -17.89 -2.82 6.66
N HIS D 167 -17.84 -1.61 7.24
CA HIS D 167 -18.65 -1.18 8.38
C HIS D 167 -19.93 -0.49 7.90
N PRO D 168 -21.02 -0.61 8.68
CA PRO D 168 -22.31 -0.09 8.22
C PRO D 168 -22.27 1.36 7.80
N ASN D 169 -21.37 2.18 8.41
CA ASN D 169 -21.05 3.55 8.01
C ASN D 169 -20.26 3.63 6.77
N GLY D 170 -20.02 2.53 6.06
CA GLY D 170 -19.29 2.54 4.80
C GLY D 170 -17.77 2.56 4.89
N LEU D 171 -17.19 2.82 6.06
CA LEU D 171 -15.74 2.75 6.19
C LEU D 171 -15.23 1.32 6.08
N LEU D 172 -14.12 1.19 5.35
CA LEU D 172 -13.55 -0.07 4.90
C LEU D 172 -12.21 -0.26 5.57
N GLU D 173 -12.04 -1.41 6.22
CA GLU D 173 -10.83 -1.68 6.98
C GLU D 173 -10.16 -2.89 6.36
N GLY D 174 -8.92 -2.72 5.88
CA GLY D 174 -8.12 -3.85 5.36
C GLY D 174 -6.92 -4.14 6.23
N ALA D 175 -6.61 -5.43 6.41
CA ALA D 175 -5.49 -5.89 7.21
C ALA D 175 -4.67 -6.98 6.49
N THR D 176 -3.37 -6.98 6.75
CA THR D 176 -2.40 -7.88 6.13
C THR D 176 -1.67 -8.65 7.22
N ASP D 177 -1.12 -9.81 6.86
CA ASP D 177 -0.42 -10.60 7.85
C ASP D 177 1.03 -10.15 7.94
N PRO D 178 1.50 -9.66 9.09
CA PRO D 178 2.91 -9.27 9.21
C PRO D 178 3.87 -10.39 8.89
N ARG D 179 3.42 -11.64 8.96
CA ARG D 179 4.23 -12.79 8.58
C ARG D 179 4.55 -12.81 7.10
N SER D 180 4.01 -11.88 6.30
CA SER D 180 4.20 -11.83 4.87
C SER D 180 4.48 -10.40 4.43
N ASN D 181 4.42 -10.18 3.11
CA ASN D 181 4.68 -8.89 2.48
C ASN D 181 3.47 -8.45 1.66
N GLY D 182 2.28 -8.76 2.16
CA GLY D 182 1.05 -8.34 1.53
C GLY D 182 0.76 -6.86 1.73
N ALA D 183 -0.21 -6.38 0.96
CA ALA D 183 -0.52 -4.98 0.92
C ALA D 183 -2.03 -4.81 0.79
N ALA D 184 -2.58 -3.87 1.57
CA ALA D 184 -3.96 -3.44 1.44
C ALA D 184 -3.99 -2.08 0.76
N ALA D 185 -4.74 -1.98 -0.32
CA ALA D 185 -4.80 -0.76 -1.14
C ALA D 185 -6.26 -0.31 -1.22
N GLY D 186 -6.52 0.93 -0.82
CA GLY D 186 -7.87 1.44 -0.74
C GLY D 186 -7.94 2.90 -1.11
N TYR D 187 -9.15 3.33 -1.46
CA TYR D 187 -9.41 4.76 -1.68
C TYR D 187 -10.66 5.25 -0.96
#